data_8XHQ
#
_entry.id   8XHQ
#
_cell.length_a   51.193
_cell.length_b   142.985
_cell.length_c   85.441
_cell.angle_alpha   90.000
_cell.angle_beta   92.904
_cell.angle_gamma   90.000
#
_symmetry.space_group_name_H-M   'P 1 21 1'
#
loop_
_entity.id
_entity.type
_entity.pdbx_description
1 polymer 'Fe/2OG dependent dioxigenase'
2 non-polymer 'FE (II) ION'
3 non-polymer '2-OXOGLUTARIC ACID'
4 non-polymer (3S,6S)-3-(2-methylpropyl)-6-[(2S)-4-oxidanylbutan-2-yl]piperazine-2,5-dione
5 non-polymer 'CHLORIDE ION'
6 water water
#
_entity_poly.entity_id   1
_entity_poly.type   'polypeptide(L)'
_entity_poly.pdbx_seq_one_letter_code
;HMTTKEMTLQRARTASGELVFETGGGLSQALQDGCFYLAIPEDIDLEPGKLLCRQFYRPAHPGSPELRPYRGFRRNDGIY
FDREYYQTEHILADGPAREKYLPPDVVALCERMTSLALLVLTSTLTGLGIDEAVWEKVTGGAVGGGGTQWFAASHYRPER
HQLGCAPHKDTGFVTVLYIEQDGLESSVGGEWIPIAPLPGYFLVNFGGATELLTARMGRPVQAILHRVRSCVTEPAREDR
FSFAVFANPPATGDLYQMSESGEPVAVRGVEEFLRDFNNETWSDRHTDFGITTTAPGEVHDLEHHHHHHHH
;
_entity_poly.pdbx_strand_id   B,A,C,D
#
loop_
_chem_comp.id
_chem_comp.type
_chem_comp.name
_chem_comp.formula
A1LVE non-polymer (3S,6S)-3-(2-methylpropyl)-6-[(2S)-4-oxidanylbutan-2-yl]piperazine-2,5-dione 'C12 H22 N2 O3'
AKG non-polymer '2-OXOGLUTARIC ACID' 'C5 H6 O5'
CL non-polymer 'CHLORIDE ION' 'Cl -1'
FE2 non-polymer 'FE (II) ION' 'Fe 2'
#
# COMPACT_ATOMS: atom_id res chain seq x y z
N THR A 4 11.85 15.33 -9.56
CA THR A 4 12.06 15.23 -10.99
C THR A 4 10.85 15.76 -11.76
N LYS A 5 11.12 16.58 -12.78
CA LYS A 5 10.07 17.16 -13.59
C LYS A 5 9.59 16.17 -14.64
N GLU A 6 8.31 16.26 -14.98
CA GLU A 6 7.74 15.32 -15.94
C GLU A 6 8.26 15.62 -17.35
N MET A 7 8.08 14.64 -18.24
CA MET A 7 8.47 14.79 -19.63
C MET A 7 7.67 15.89 -20.32
N THR A 8 8.31 16.59 -21.25
CA THR A 8 7.64 17.59 -22.07
C THR A 8 7.38 16.95 -23.43
N LEU A 9 6.16 16.52 -23.67
CA LEU A 9 5.85 15.72 -24.84
C LEU A 9 5.13 16.52 -25.90
N GLN A 10 5.15 16.01 -27.13
CA GLN A 10 4.34 16.61 -28.17
C GLN A 10 2.85 16.38 -27.89
N ARG A 11 2.03 17.23 -28.48
CA ARG A 11 0.58 17.12 -28.38
C ARG A 11 -0.02 17.13 -29.77
N ALA A 12 -0.88 16.16 -30.06
CA ALA A 12 -1.57 16.08 -31.34
C ALA A 12 -3.07 16.03 -31.10
N ARG A 13 -3.81 16.25 -32.18
CA ARG A 13 -5.26 16.11 -32.25
C ARG A 13 -5.60 15.47 -33.59
N THR A 14 -6.74 14.81 -33.67
CA THR A 14 -7.19 14.26 -34.94
CA THR A 14 -7.19 14.27 -34.94
C THR A 14 -8.09 15.28 -35.64
N ALA A 15 -7.84 15.48 -36.93
CA ALA A 15 -8.65 16.36 -37.78
C ALA A 15 -8.90 15.64 -39.08
N SER A 16 -10.15 15.21 -39.31
CA SER A 16 -10.55 14.47 -40.52
C SER A 16 -9.63 13.27 -40.76
N GLY A 17 -9.46 12.45 -39.73
CA GLY A 17 -8.75 11.20 -39.88
C GLY A 17 -7.27 11.37 -40.16
N GLU A 18 -6.72 12.55 -39.92
CA GLU A 18 -5.29 12.74 -40.04
C GLU A 18 -4.78 13.23 -38.69
N LEU A 19 -3.55 12.86 -38.39
CA LEU A 19 -2.91 13.26 -37.15
C LEU A 19 -2.32 14.65 -37.34
N VAL A 20 -2.75 15.62 -36.53
CA VAL A 20 -2.28 16.98 -36.64
C VAL A 20 -1.63 17.36 -35.33
N PHE A 21 -0.42 17.91 -35.38
CA PHE A 21 0.33 18.18 -34.16
C PHE A 21 0.22 19.65 -33.77
N GLU A 22 -0.07 19.89 -32.50
CA GLU A 22 -0.26 21.25 -32.00
C GLU A 22 1.05 21.87 -31.60
N THR A 23 2.01 21.04 -31.19
CA THR A 23 3.31 21.50 -30.76
C THR A 23 4.27 21.41 -31.93
N GLY A 24 5.36 22.18 -31.85
CA GLY A 24 6.20 22.41 -33.00
C GLY A 24 7.06 21.22 -33.42
N GLY A 25 7.39 20.33 -32.48
CA GLY A 25 8.25 19.19 -32.82
C GLY A 25 7.62 18.23 -33.82
N GLY A 26 6.29 18.14 -33.83
CA GLY A 26 5.55 17.33 -34.77
C GLY A 26 5.79 15.83 -34.61
N LEU A 27 5.35 15.10 -35.63
CA LEU A 27 5.45 13.64 -35.59
C LEU A 27 6.91 13.19 -35.49
N SER A 28 7.83 13.93 -36.11
CA SER A 28 9.25 13.63 -36.02
C SER A 28 9.73 13.58 -34.57
N GLN A 29 9.43 14.62 -33.79
CA GLN A 29 9.88 14.64 -32.40
C GLN A 29 9.16 13.58 -31.57
N ALA A 30 7.86 13.38 -31.82
CA ALA A 30 7.10 12.38 -31.07
C ALA A 30 7.66 10.98 -31.26
N LEU A 31 8.04 10.64 -32.50
CA LEU A 31 8.63 9.33 -32.76
C LEU A 31 9.98 9.20 -32.10
N GLN A 32 10.76 10.28 -32.05
CA GLN A 32 12.02 10.25 -31.33
C GLN A 32 11.80 10.09 -29.83
N ASP A 33 10.77 10.72 -29.27
CA ASP A 33 10.45 10.56 -27.85
C ASP A 33 9.85 9.19 -27.55
N GLY A 34 9.15 8.60 -28.51
CA GLY A 34 8.47 7.34 -28.32
C GLY A 34 7.10 7.45 -27.65
N CYS A 35 6.60 8.66 -27.45
CA CYS A 35 5.31 8.84 -26.80
C CYS A 35 4.88 10.29 -27.01
N PHE A 36 3.58 10.49 -27.00
CA PHE A 36 3.03 11.84 -27.15
C PHE A 36 1.60 11.79 -26.66
N TYR A 37 1.01 12.97 -26.50
CA TYR A 37 -0.36 13.10 -26.08
C TYR A 37 -1.27 13.29 -27.29
N LEU A 38 -2.43 12.65 -27.27
CA LEU A 38 -3.42 12.72 -28.35
C LEU A 38 -4.75 13.17 -27.78
N ALA A 39 -5.25 14.31 -28.27
CA ALA A 39 -6.52 14.84 -27.78
C ALA A 39 -7.64 13.82 -27.91
N ILE A 40 -8.47 13.72 -26.87
CA ILE A 40 -9.58 12.78 -26.92
C ILE A 40 -10.68 13.43 -27.75
N PRO A 41 -11.09 12.81 -28.86
CA PRO A 41 -12.21 13.34 -29.65
C PRO A 41 -13.38 13.72 -28.75
N GLU A 42 -13.90 14.91 -29.00
CA GLU A 42 -14.81 15.58 -28.08
C GLU A 42 -16.10 14.79 -27.86
N ASP A 43 -16.48 13.95 -28.80
CA ASP A 43 -17.74 13.24 -28.66
C ASP A 43 -17.63 11.95 -27.86
N ILE A 44 -16.42 11.51 -27.50
CA ILE A 44 -16.28 10.24 -26.80
C ILE A 44 -16.77 10.39 -25.36
N ASP A 45 -17.58 9.43 -24.91
CA ASP A 45 -17.93 9.29 -23.50
C ASP A 45 -16.93 8.32 -22.87
N LEU A 46 -16.08 8.84 -21.98
CA LEU A 46 -15.12 8.01 -21.26
C LEU A 46 -15.72 7.31 -20.05
N GLU A 47 -16.89 7.75 -19.59
CA GLU A 47 -17.42 7.25 -18.32
C GLU A 47 -17.60 5.73 -18.27
N PRO A 48 -18.00 5.03 -19.34
CA PRO A 48 -18.06 3.55 -19.23
C PRO A 48 -16.71 2.93 -18.89
N GLY A 49 -15.61 3.44 -19.43
CA GLY A 49 -14.30 2.91 -19.07
C GLY A 49 -13.93 3.22 -17.63
N LYS A 50 -14.16 4.45 -17.20
CA LYS A 50 -13.88 4.78 -15.81
C LYS A 50 -14.76 3.98 -14.88
N LEU A 51 -16.01 3.76 -15.27
CA LEU A 51 -16.91 2.98 -14.44
C LEU A 51 -16.40 1.55 -14.27
N LEU A 52 -16.00 0.92 -15.37
CA LEU A 52 -15.44 -0.43 -15.27
C LEU A 52 -14.18 -0.44 -14.40
N CYS A 53 -13.29 0.54 -14.56
CA CYS A 53 -12.09 0.58 -13.73
C CYS A 53 -12.40 0.75 -12.25
N ARG A 54 -13.52 1.36 -11.93
CA ARG A 54 -13.91 1.58 -10.53
C ARG A 54 -14.68 0.40 -9.94
N GLN A 55 -15.14 -0.54 -10.77
CA GLN A 55 -16.09 -1.56 -10.33
C GLN A 55 -15.69 -3.00 -10.60
N PHE A 56 -14.80 -3.26 -11.58
CA PHE A 56 -14.65 -4.63 -12.07
C PHE A 56 -14.18 -5.60 -10.99
N TYR A 57 -13.46 -5.11 -9.99
CA TYR A 57 -12.91 -5.94 -8.93
C TYR A 57 -13.83 -6.06 -7.72
N ARG A 58 -14.99 -5.45 -7.76
CA ARG A 58 -15.97 -5.53 -6.69
C ARG A 58 -16.94 -6.69 -6.93
N PRO A 59 -17.51 -7.25 -5.86
CA PRO A 59 -18.47 -8.34 -6.03
C PRO A 59 -19.71 -7.87 -6.78
N ALA A 60 -20.34 -8.81 -7.49
CA ALA A 60 -21.57 -8.47 -8.21
C ALA A 60 -22.68 -8.04 -7.25
N HIS A 61 -22.69 -8.60 -6.04
CA HIS A 61 -23.69 -8.32 -5.02
C HIS A 61 -22.98 -8.03 -3.71
N PRO A 62 -23.47 -7.05 -2.92
CA PRO A 62 -24.69 -6.27 -3.14
C PRO A 62 -24.49 -5.06 -4.06
N GLY A 63 -25.56 -4.60 -4.71
CA GLY A 63 -25.46 -3.42 -5.53
C GLY A 63 -26.54 -3.40 -6.59
N SER A 64 -26.66 -2.24 -7.23
CA SER A 64 -27.75 -2.01 -8.16
C SER A 64 -27.62 -2.93 -9.37
N PRO A 65 -28.74 -3.33 -9.96
CA PRO A 65 -28.66 -4.14 -11.19
C PRO A 65 -28.03 -3.41 -12.35
N GLU A 66 -27.98 -2.08 -12.29
CA GLU A 66 -27.33 -1.30 -13.34
C GLU A 66 -25.82 -1.49 -13.33
N LEU A 67 -25.20 -1.49 -12.15
CA LEU A 67 -23.75 -1.69 -12.02
C LEU A 67 -23.33 -3.15 -12.15
N ARG A 68 -24.29 -4.07 -12.12
CA ARG A 68 -23.98 -5.50 -12.17
C ARG A 68 -23.08 -5.91 -13.35
N PRO A 69 -23.34 -5.49 -14.60
CA PRO A 69 -22.44 -5.89 -15.69
C PRO A 69 -21.05 -5.27 -15.62
N TYR A 70 -20.82 -4.32 -14.71
CA TYR A 70 -19.51 -3.72 -14.52
C TYR A 70 -18.73 -4.35 -13.38
N ARG A 71 -19.28 -5.35 -12.71
CA ARG A 71 -18.69 -5.93 -11.51
C ARG A 71 -18.53 -7.44 -11.67
N GLY A 72 -17.84 -8.03 -10.69
CA GLY A 72 -17.75 -9.47 -10.59
C GLY A 72 -16.67 -10.11 -11.44
N PHE A 73 -15.77 -9.32 -12.01
CA PHE A 73 -14.82 -9.85 -12.97
C PHE A 73 -13.67 -10.62 -12.33
N ARG A 74 -13.47 -10.51 -11.01
CA ARG A 74 -12.45 -11.35 -10.39
C ARG A 74 -12.78 -12.84 -10.56
N ARG A 75 -14.00 -13.18 -10.95
CA ARG A 75 -14.40 -14.55 -11.22
C ARG A 75 -14.04 -15.05 -12.62
N ASN A 76 -13.69 -14.17 -13.55
CA ASN A 76 -13.49 -14.55 -14.93
C ASN A 76 -12.02 -14.92 -15.13
N ASP A 77 -11.72 -16.22 -15.06
CA ASP A 77 -10.34 -16.66 -15.22
C ASP A 77 -9.78 -16.33 -16.61
N GLY A 78 -10.63 -16.12 -17.61
CA GLY A 78 -10.14 -15.85 -18.96
C GLY A 78 -9.55 -14.46 -19.17
N ILE A 79 -10.05 -13.46 -18.45
CA ILE A 79 -9.68 -12.07 -18.71
C ILE A 79 -9.27 -11.29 -17.46
N TYR A 80 -9.36 -11.86 -16.26
CA TYR A 80 -8.94 -11.14 -15.06
C TYR A 80 -7.63 -11.70 -14.53
N PHE A 81 -6.73 -10.80 -14.12
CA PHE A 81 -5.38 -11.19 -13.74
C PHE A 81 -4.99 -10.52 -12.43
N ASP A 82 -5.02 -11.29 -11.35
CA ASP A 82 -4.54 -10.84 -10.04
C ASP A 82 -3.02 -11.02 -10.00
N ARG A 83 -2.27 -9.92 -10.02
CA ARG A 83 -0.81 -10.02 -10.07
C ARG A 83 -0.21 -10.24 -8.69
N GLU A 84 0.59 -11.30 -8.54
CA GLU A 84 1.09 -11.68 -7.23
C GLU A 84 2.06 -10.63 -6.68
N TYR A 85 2.87 -10.01 -7.54
CA TYR A 85 3.99 -9.17 -7.11
C TYR A 85 3.76 -7.68 -7.24
N TYR A 86 2.57 -7.23 -7.68
CA TYR A 86 2.36 -5.82 -7.94
C TYR A 86 1.00 -5.39 -7.45
N GLN A 87 0.84 -4.08 -7.23
CA GLN A 87 -0.46 -3.57 -6.81
C GLN A 87 -1.53 -3.79 -7.88
N THR A 88 -1.12 -3.84 -9.15
CA THR A 88 -2.11 -3.87 -10.22
C THR A 88 -2.85 -5.21 -10.25
N GLU A 89 -4.17 -5.13 -10.41
CA GLU A 89 -4.99 -6.21 -10.93
C GLU A 89 -5.65 -5.65 -12.18
N HIS A 90 -5.87 -6.50 -13.19
CA HIS A 90 -6.35 -5.93 -14.44
C HIS A 90 -7.13 -6.94 -15.26
N ILE A 91 -8.13 -6.42 -15.96
CA ILE A 91 -8.72 -7.10 -17.09
C ILE A 91 -7.81 -6.95 -18.29
N LEU A 92 -7.64 -8.02 -19.05
CA LEU A 92 -7.04 -7.97 -20.37
C LEU A 92 -7.91 -8.82 -21.28
N ALA A 93 -8.50 -8.19 -22.29
CA ALA A 93 -9.50 -8.83 -23.12
C ALA A 93 -9.28 -8.45 -24.56
N ASP A 94 -9.27 -9.45 -25.45
CA ASP A 94 -9.21 -9.15 -26.87
C ASP A 94 -10.61 -8.79 -27.38
N GLY A 95 -10.70 -8.59 -28.69
CA GLY A 95 -11.94 -8.16 -29.33
C GLY A 95 -13.11 -9.06 -28.99
N PRO A 96 -13.00 -10.36 -29.31
CA PRO A 96 -14.10 -11.29 -28.97
C PRO A 96 -14.44 -11.33 -27.49
N ALA A 97 -13.43 -11.29 -26.63
CA ALA A 97 -13.68 -11.35 -25.19
C ALA A 97 -14.42 -10.11 -24.71
N ARG A 98 -14.08 -8.93 -25.26
CA ARG A 98 -14.82 -7.72 -24.91
C ARG A 98 -16.29 -7.85 -25.27
N GLU A 99 -16.57 -8.30 -26.50
CA GLU A 99 -17.96 -8.42 -26.92
C GLU A 99 -18.70 -9.50 -26.14
N LYS A 100 -17.99 -10.54 -25.68
CA LYS A 100 -18.64 -11.59 -24.92
C LYS A 100 -18.87 -11.21 -23.46
N TYR A 101 -17.98 -10.43 -22.86
CA TYR A 101 -17.98 -10.24 -21.41
C TYR A 101 -18.17 -8.80 -20.95
N LEU A 102 -17.87 -7.79 -21.77
CA LEU A 102 -17.95 -6.43 -21.27
C LEU A 102 -19.22 -5.72 -21.73
N PRO A 103 -19.67 -4.71 -20.97
CA PRO A 103 -20.89 -4.00 -21.35
C PRO A 103 -20.73 -3.36 -22.71
N PRO A 104 -21.82 -3.28 -23.48
CA PRO A 104 -21.70 -2.72 -24.85
C PRO A 104 -21.21 -1.29 -24.89
N ASP A 105 -21.48 -0.47 -23.86
CA ASP A 105 -20.94 0.88 -23.94
CA ASP A 105 -20.95 0.90 -23.86
C ASP A 105 -19.44 0.91 -23.66
N VAL A 106 -18.91 -0.08 -22.95
CA VAL A 106 -17.46 -0.22 -22.88
C VAL A 106 -16.89 -0.69 -24.22
N VAL A 107 -17.54 -1.68 -24.84
CA VAL A 107 -17.10 -2.13 -26.16
C VAL A 107 -17.08 -0.96 -27.13
N ALA A 108 -18.09 -0.08 -27.04
CA ALA A 108 -18.13 1.07 -27.95
C ALA A 108 -16.95 2.00 -27.72
N LEU A 109 -16.61 2.24 -26.45
CA LEU A 109 -15.47 3.10 -26.15
C LEU A 109 -14.17 2.49 -26.66
N CYS A 110 -14.01 1.17 -26.50
CA CYS A 110 -12.79 0.52 -27.00
C CYS A 110 -12.67 0.64 -28.51
N GLU A 111 -13.78 0.51 -29.23
CA GLU A 111 -13.70 0.62 -30.68
C GLU A 111 -13.20 1.99 -31.12
N ARG A 112 -13.62 3.05 -30.41
CA ARG A 112 -13.14 4.40 -30.74
C ARG A 112 -11.65 4.54 -30.45
N MET A 113 -11.21 4.03 -29.31
CA MET A 113 -9.80 4.10 -28.96
C MET A 113 -8.95 3.30 -29.94
N THR A 114 -9.45 2.12 -30.34
CA THR A 114 -8.75 1.32 -31.32
C THR A 114 -8.57 2.06 -32.64
N SER A 115 -9.61 2.77 -33.12
CA SER A 115 -9.46 3.52 -34.36
C SER A 115 -8.37 4.58 -34.23
N LEU A 116 -8.24 5.21 -33.05
CA LEU A 116 -7.15 6.15 -32.87
C LEU A 116 -5.79 5.46 -32.89
N ALA A 117 -5.69 4.28 -32.29
CA ALA A 117 -4.42 3.55 -32.34
C ALA A 117 -4.05 3.19 -33.78
N LEU A 118 -5.03 2.79 -34.58
CA LEU A 118 -4.72 2.46 -35.96
C LEU A 118 -4.31 3.71 -36.73
N LEU A 119 -4.96 4.85 -36.46
CA LEU A 119 -4.56 6.11 -37.10
C LEU A 119 -3.12 6.46 -36.81
N VAL A 120 -2.68 6.28 -35.54
CA VAL A 120 -1.30 6.55 -35.19
C VAL A 120 -0.38 5.58 -35.92
N LEU A 121 -0.79 4.31 -36.01
CA LEU A 121 0.04 3.31 -36.68
C LEU A 121 0.29 3.64 -38.15
N THR A 122 -0.78 3.95 -38.90
CA THR A 122 -0.62 4.27 -40.32
C THR A 122 0.14 5.57 -40.51
N SER A 123 -0.10 6.56 -39.64
CA SER A 123 0.67 7.80 -39.71
C SER A 123 2.15 7.55 -39.53
N THR A 124 2.51 6.66 -38.58
CA THR A 124 3.92 6.38 -38.29
C THR A 124 4.58 5.61 -39.42
N LEU A 125 3.89 4.60 -39.96
CA LEU A 125 4.43 3.83 -41.07
C LEU A 125 4.67 4.73 -42.28
N THR A 126 3.72 5.61 -42.57
CA THR A 126 3.89 6.61 -43.62
C THR A 126 5.05 7.54 -43.32
N GLY A 127 5.13 8.01 -42.07
CA GLY A 127 6.21 8.90 -41.70
C GLY A 127 7.58 8.27 -41.83
N LEU A 128 7.65 6.95 -41.65
CA LEU A 128 8.91 6.21 -41.79
C LEU A 128 9.17 5.77 -43.23
N GLY A 129 8.29 6.09 -44.16
CA GLY A 129 8.50 5.72 -45.54
C GLY A 129 8.40 4.23 -45.82
N ILE A 130 7.61 3.52 -45.04
CA ILE A 130 7.44 2.08 -45.26
C ILE A 130 6.33 1.87 -46.29
N ASP A 131 6.62 1.06 -47.30
CA ASP A 131 5.67 0.84 -48.40
C ASP A 131 4.36 0.27 -47.89
N GLU A 132 3.25 0.88 -48.32
CA GLU A 132 1.93 0.43 -47.92
C GLU A 132 1.69 -1.03 -48.28
N ALA A 133 2.35 -1.52 -49.33
CA ALA A 133 2.09 -2.87 -49.78
C ALA A 133 2.47 -3.92 -48.74
N VAL A 134 3.34 -3.58 -47.79
CA VAL A 134 3.79 -4.53 -46.79
C VAL A 134 3.17 -4.29 -45.42
N TRP A 135 2.28 -3.30 -45.29
CA TRP A 135 1.72 -2.95 -43.97
C TRP A 135 0.97 -4.13 -43.35
N GLU A 136 0.11 -4.80 -44.12
CA GLU A 136 -0.67 -5.89 -43.55
C GLU A 136 0.25 -7.02 -43.10
N LYS A 137 1.28 -7.31 -43.88
CA LYS A 137 2.20 -8.40 -43.55
C LYS A 137 3.02 -8.08 -42.30
N VAL A 138 3.63 -6.90 -42.25
CA VAL A 138 4.54 -6.62 -41.14
C VAL A 138 3.81 -6.34 -39.84
N THR A 139 2.52 -6.05 -39.89
CA THR A 139 1.71 -5.87 -38.68
C THR A 139 0.86 -7.11 -38.36
N GLY A 140 1.04 -8.19 -39.12
CA GLY A 140 0.21 -9.37 -38.92
C GLY A 140 -1.26 -9.06 -39.01
N GLY A 141 -1.64 -8.08 -39.82
CA GLY A 141 -3.01 -7.67 -39.99
C GLY A 141 -3.50 -6.62 -39.01
N ALA A 142 -2.66 -6.20 -38.06
CA ALA A 142 -3.17 -5.29 -37.04
C ALA A 142 -3.50 -3.92 -37.62
N VAL A 143 -2.78 -3.52 -38.67
CA VAL A 143 -2.91 -2.18 -39.23
C VAL A 143 -4.33 -1.90 -39.70
N GLY A 144 -5.02 -2.93 -40.19
CA GLY A 144 -6.36 -2.71 -40.69
C GLY A 144 -7.47 -3.12 -39.75
N GLY A 145 -7.15 -3.26 -38.47
CA GLY A 145 -8.15 -3.69 -37.51
C GLY A 145 -8.16 -5.17 -37.22
N GLY A 146 -7.27 -5.93 -37.85
CA GLY A 146 -7.14 -7.34 -37.54
C GLY A 146 -6.05 -7.58 -36.51
N GLY A 147 -5.26 -8.64 -36.67
CA GLY A 147 -4.33 -8.98 -35.60
C GLY A 147 -5.10 -9.17 -34.31
N THR A 148 -4.51 -8.70 -33.21
CA THR A 148 -5.14 -8.74 -31.90
C THR A 148 -5.24 -7.33 -31.35
N GLN A 149 -6.46 -6.89 -31.06
CA GLN A 149 -6.71 -5.56 -30.55
C GLN A 149 -7.06 -5.73 -29.08
N TRP A 150 -6.07 -5.50 -28.21
CA TRP A 150 -6.20 -5.73 -26.77
C TRP A 150 -6.82 -4.52 -26.07
N PHE A 151 -7.50 -4.81 -24.98
CA PHE A 151 -7.97 -3.80 -24.04
C PHE A 151 -7.52 -4.20 -22.65
N ALA A 152 -7.06 -3.20 -21.87
CA ALA A 152 -6.71 -3.44 -20.47
C ALA A 152 -7.45 -2.44 -19.59
N ALA A 153 -7.95 -2.93 -18.46
CA ALA A 153 -8.48 -2.07 -17.40
C ALA A 153 -7.74 -2.40 -16.11
N SER A 154 -7.02 -1.43 -15.55
CA SER A 154 -6.16 -1.67 -14.39
C SER A 154 -6.68 -0.96 -13.15
N HIS A 155 -6.66 -1.67 -12.02
CA HIS A 155 -6.91 -1.10 -10.69
C HIS A 155 -5.65 -1.31 -9.84
N TYR A 156 -5.11 -0.22 -9.31
CA TYR A 156 -3.94 -0.28 -8.44
C TYR A 156 -4.37 -0.40 -6.99
N ARG A 157 -4.22 -1.60 -6.41
CA ARG A 157 -4.60 -1.92 -5.03
C ARG A 157 -3.65 -1.27 -4.03
N PRO A 158 -4.12 -0.25 -3.28
CA PRO A 158 -3.19 0.49 -2.40
C PRO A 158 -2.85 -0.25 -1.13
N GLU A 159 -3.61 -1.28 -0.75
CA GLU A 159 -3.38 -1.99 0.50
C GLU A 159 -2.16 -2.88 0.45
N ARG A 160 -1.52 -3.02 -0.71
CA ARG A 160 -0.33 -3.85 -0.87
C ARG A 160 0.88 -2.93 -0.98
N HIS A 161 1.89 -3.18 -0.15
CA HIS A 161 3.11 -2.39 -0.23
C HIS A 161 4.00 -3.02 -1.30
N GLN A 162 3.71 -2.67 -2.56
CA GLN A 162 4.46 -3.16 -3.72
C GLN A 162 4.50 -2.06 -4.77
N LEU A 163 5.38 -2.21 -5.76
CA LEU A 163 5.33 -1.40 -6.97
C LEU A 163 3.93 -1.48 -7.60
N GLY A 164 3.51 -0.38 -8.23
CA GLY A 164 2.23 -0.35 -8.90
C GLY A 164 2.10 -1.31 -10.08
N CYS A 165 3.00 -1.18 -11.06
CA CYS A 165 3.02 -1.99 -12.28
C CYS A 165 4.45 -2.39 -12.58
N ALA A 166 4.66 -3.65 -12.96
CA ALA A 166 6.00 -4.09 -13.36
C ALA A 166 6.55 -3.14 -14.42
N PRO A 167 7.84 -2.82 -14.36
CA PRO A 167 8.47 -2.09 -15.48
C PRO A 167 8.39 -2.94 -16.74
N HIS A 168 7.95 -2.32 -17.83
CA HIS A 168 7.83 -3.09 -19.08
C HIS A 168 7.88 -2.16 -20.27
N LYS A 169 8.15 -2.77 -21.42
CA LYS A 169 7.79 -2.21 -22.71
C LYS A 169 6.52 -2.88 -23.19
N ASP A 170 5.57 -2.08 -23.67
CA ASP A 170 4.38 -2.66 -24.28
C ASP A 170 4.82 -3.58 -25.42
N THR A 171 4.00 -4.59 -25.74
CA THR A 171 4.48 -5.65 -26.63
C THR A 171 4.10 -5.44 -28.08
N GLY A 172 3.13 -4.59 -28.37
CA GLY A 172 2.53 -4.47 -29.70
C GLY A 172 3.11 -3.34 -30.51
N PHE A 173 2.26 -2.73 -31.35
CA PHE A 173 2.68 -1.64 -32.23
C PHE A 173 2.41 -0.27 -31.62
N VAL A 174 1.16 0.00 -31.26
CA VAL A 174 0.75 1.29 -30.71
C VAL A 174 -0.16 1.05 -29.50
N THR A 175 0.02 1.87 -28.47
CA THR A 175 -0.82 1.90 -27.27
C THR A 175 -1.54 3.25 -27.19
N VAL A 176 -2.83 3.22 -26.83
CA VAL A 176 -3.59 4.44 -26.53
C VAL A 176 -4.08 4.28 -25.09
N LEU A 177 -3.56 5.11 -24.19
CA LEU A 177 -3.76 4.91 -22.75
C LEU A 177 -4.52 6.08 -22.14
N TYR A 178 -5.49 5.77 -21.28
CA TYR A 178 -6.17 6.78 -20.47
C TYR A 178 -5.67 6.73 -19.01
N ILE A 179 -5.12 7.86 -18.54
CA ILE A 179 -4.77 8.02 -17.13
C ILE A 179 -5.31 9.35 -16.63
N GLU A 180 -5.56 9.40 -15.31
CA GLU A 180 -5.99 10.61 -14.60
C GLU A 180 -5.09 10.99 -13.45
N GLN A 181 -4.24 10.09 -12.97
CA GLN A 181 -3.43 10.34 -11.79
C GLN A 181 -1.95 10.18 -12.09
N ASP A 182 -1.14 10.85 -11.27
CA ASP A 182 0.30 10.63 -11.29
C ASP A 182 0.62 9.16 -11.00
N GLY A 183 1.83 8.76 -11.35
CA GLY A 183 2.27 7.44 -10.98
C GLY A 183 3.02 6.77 -12.12
N LEU A 184 2.63 7.07 -13.34
CA LEU A 184 3.34 6.52 -14.50
C LEU A 184 4.70 7.21 -14.64
N GLU A 185 5.74 6.42 -14.94
CA GLU A 185 7.09 6.94 -15.13
C GLU A 185 7.72 6.24 -16.31
N SER A 186 8.62 6.94 -17.00
CA SER A 186 9.33 6.39 -18.15
C SER A 186 10.84 6.48 -17.94
N SER A 187 11.56 5.49 -18.48
CA SER A 187 13.02 5.46 -18.35
C SER A 187 13.62 6.26 -19.50
N VAL A 188 14.13 7.46 -19.20
CA VAL A 188 14.68 8.37 -20.20
C VAL A 188 16.15 8.58 -19.86
N GLY A 189 17.03 8.15 -20.76
CA GLY A 189 18.45 8.29 -20.47
C GLY A 189 18.91 7.59 -19.22
N GLY A 190 18.17 6.58 -18.76
CA GLY A 190 18.54 5.83 -17.58
C GLY A 190 17.88 6.30 -16.30
N GLU A 191 17.06 7.35 -16.34
CA GLU A 191 16.42 7.89 -15.15
C GLU A 191 14.90 7.81 -15.28
N TRP A 192 14.23 7.49 -14.18
CA TRP A 192 12.77 7.46 -14.18
C TRP A 192 12.22 8.89 -14.23
N ILE A 193 11.49 9.22 -15.28
CA ILE A 193 10.86 10.53 -15.44
C ILE A 193 9.35 10.35 -15.36
N PRO A 194 8.63 11.09 -14.52
CA PRO A 194 7.19 10.95 -14.49
C PRO A 194 6.55 11.40 -15.79
N ILE A 195 5.50 10.69 -16.18
CA ILE A 195 4.62 11.10 -17.25
C ILE A 195 3.31 11.53 -16.61
N ALA A 196 2.99 12.82 -16.73
CA ALA A 196 1.83 13.39 -16.05
C ALA A 196 0.55 13.13 -16.83
N PRO A 197 -0.56 12.94 -16.14
CA PRO A 197 -1.86 12.96 -16.81
C PRO A 197 -2.15 14.35 -17.37
N LEU A 198 -2.66 14.39 -18.59
CA LEU A 198 -3.07 15.64 -19.21
C LEU A 198 -4.56 15.55 -19.46
N PRO A 199 -5.38 16.34 -18.76
CA PRO A 199 -6.84 16.20 -18.90
C PRO A 199 -7.25 16.42 -20.34
N GLY A 200 -8.17 15.57 -20.80
CA GLY A 200 -8.64 15.66 -22.18
C GLY A 200 -7.73 15.03 -23.21
N TYR A 201 -6.67 14.32 -22.80
CA TYR A 201 -5.75 13.69 -23.74
C TYR A 201 -5.51 12.23 -23.38
N PHE A 202 -5.37 11.39 -24.40
CA PHE A 202 -4.75 10.07 -24.21
C PHE A 202 -3.23 10.20 -24.24
N LEU A 203 -2.54 9.24 -23.63
CA LEU A 203 -1.11 9.06 -23.85
C LEU A 203 -0.94 7.99 -24.92
N VAL A 204 -0.07 8.25 -25.89
CA VAL A 204 0.21 7.29 -26.95
C VAL A 204 1.67 6.88 -26.83
N ASN A 205 1.93 5.57 -26.90
CA ASN A 205 3.32 5.14 -27.09
C ASN A 205 3.34 3.94 -28.01
N PHE A 206 4.55 3.44 -28.27
CA PHE A 206 4.77 2.32 -29.16
C PHE A 206 5.25 1.12 -28.36
N GLY A 207 5.11 -0.05 -28.96
CA GLY A 207 5.46 -1.31 -28.31
C GLY A 207 6.66 -2.00 -28.95
N GLY A 208 6.97 -3.18 -28.40
CA GLY A 208 8.15 -3.91 -28.83
C GLY A 208 8.11 -4.34 -30.28
N ALA A 209 6.91 -4.50 -30.84
CA ALA A 209 6.79 -4.89 -32.24
C ALA A 209 7.17 -3.74 -33.16
N THR A 210 6.82 -2.51 -32.79
CA THR A 210 7.27 -1.35 -33.54
C THR A 210 8.77 -1.13 -33.38
N GLU A 211 9.29 -1.35 -32.16
CA GLU A 211 10.73 -1.22 -31.95
C GLU A 211 11.49 -2.19 -32.83
N LEU A 212 11.09 -3.48 -32.82
CA LEU A 212 11.80 -4.48 -33.63
C LEU A 212 11.65 -4.20 -35.12
N LEU A 213 10.45 -3.78 -35.53
CA LEU A 213 10.20 -3.51 -36.94
C LEU A 213 11.14 -2.44 -37.48
N THR A 214 11.44 -1.41 -36.67
CA THR A 214 12.15 -0.24 -37.16
C THR A 214 13.59 -0.16 -36.68
N ALA A 215 14.11 -1.22 -36.04
CA ALA A 215 15.38 -1.11 -35.33
C ALA A 215 16.57 -0.91 -36.27
N ARG A 216 16.42 -1.28 -37.55
CA ARG A 216 17.49 -1.16 -38.53
C ARG A 216 17.30 0.03 -39.47
N MET A 217 16.30 0.88 -39.24
CA MET A 217 16.06 1.99 -40.15
C MET A 217 16.86 3.22 -39.70
N GLY A 218 16.74 4.30 -40.46
CA GLY A 218 17.52 5.50 -40.19
C GLY A 218 17.07 6.21 -38.92
N ARG A 219 15.77 6.23 -38.67
CA ARG A 219 15.21 6.82 -37.45
C ARG A 219 14.37 5.74 -36.77
N PRO A 220 15.00 4.85 -36.02
CA PRO A 220 14.25 3.81 -35.32
C PRO A 220 13.29 4.41 -34.29
N VAL A 221 12.18 3.75 -34.07
CA VAL A 221 11.20 4.13 -33.06
C VAL A 221 11.35 3.21 -31.86
N GLN A 222 11.50 3.78 -30.66
CA GLN A 222 11.69 3.01 -29.44
C GLN A 222 10.34 2.70 -28.78
N ALA A 223 10.29 1.57 -28.09
CA ALA A 223 9.23 1.23 -27.15
C ALA A 223 9.67 1.71 -25.77
N ILE A 224 9.00 2.75 -25.25
CA ILE A 224 9.44 3.32 -23.98
C ILE A 224 9.29 2.31 -22.87
N LEU A 225 10.28 2.28 -21.99
CA LEU A 225 10.28 1.47 -20.79
C LEU A 225 9.57 2.27 -19.71
N HIS A 226 8.52 1.70 -19.12
CA HIS A 226 7.71 2.47 -18.20
C HIS A 226 7.20 1.58 -17.09
N ARG A 227 6.89 2.22 -15.96
CA ARG A 227 6.33 1.52 -14.81
C ARG A 227 5.31 2.44 -14.15
N VAL A 228 4.58 1.88 -13.19
CA VAL A 228 3.80 2.68 -12.25
C VAL A 228 4.39 2.49 -10.86
N ARG A 229 4.83 3.59 -10.24
CA ARG A 229 5.42 3.50 -8.92
C ARG A 229 4.37 3.09 -7.89
N SER A 230 4.83 2.72 -6.70
CA SER A 230 3.90 2.27 -5.67
C SER A 230 2.88 3.38 -5.37
N CYS A 231 1.59 3.03 -5.40
CA CYS A 231 0.51 3.98 -5.23
C CYS A 231 0.15 4.06 -3.75
N VAL A 232 0.10 5.27 -3.20
CA VAL A 232 -0.25 5.48 -1.80
C VAL A 232 -1.56 6.28 -1.74
N THR A 233 -2.46 5.84 -0.88
CA THR A 233 -3.76 6.49 -0.81
C THR A 233 -3.61 7.91 -0.27
N GLU A 234 -4.27 8.85 -0.93
CA GLU A 234 -4.46 10.19 -0.39
C GLU A 234 -5.93 10.32 0.01
N PRO A 235 -6.23 10.71 1.25
CA PRO A 235 -7.62 10.74 1.73
C PRO A 235 -8.56 11.49 0.80
N ALA A 236 -9.70 10.87 0.50
CA ALA A 236 -10.74 11.32 -0.41
C ALA A 236 -10.30 11.32 -1.87
N ARG A 237 -9.14 10.76 -2.21
CA ARG A 237 -8.76 10.53 -3.59
C ARG A 237 -8.92 9.05 -3.92
N GLU A 238 -9.60 8.75 -5.02
CA GLU A 238 -9.89 7.36 -5.36
C GLU A 238 -8.60 6.61 -5.71
N ASP A 239 -8.68 5.27 -5.64
CA ASP A 239 -7.58 4.41 -6.07
C ASP A 239 -7.19 4.73 -7.52
N ARG A 240 -5.90 4.59 -7.83
CA ARG A 240 -5.46 4.81 -9.20
C ARG A 240 -6.00 3.74 -10.12
N PHE A 241 -6.40 4.15 -11.32
CA PHE A 241 -6.78 3.21 -12.36
C PHE A 241 -6.22 3.70 -13.69
N SER A 242 -6.26 2.84 -14.69
CA SER A 242 -5.97 3.23 -16.06
C SER A 242 -6.68 2.26 -16.99
N PHE A 243 -6.91 2.69 -18.22
CA PHE A 243 -7.37 1.75 -19.24
C PHE A 243 -6.75 2.13 -20.58
N ALA A 244 -6.64 1.14 -21.44
CA ALA A 244 -5.85 1.31 -22.65
C ALA A 244 -6.27 0.29 -23.68
N VAL A 245 -6.05 0.63 -24.96
CA VAL A 245 -6.14 -0.35 -26.03
C VAL A 245 -4.77 -0.44 -26.66
N PHE A 246 -4.52 -1.58 -27.30
CA PHE A 246 -3.23 -1.88 -27.90
C PHE A 246 -3.47 -2.60 -29.22
N ALA A 247 -2.77 -2.17 -30.26
CA ALA A 247 -2.82 -2.84 -31.55
C ALA A 247 -1.59 -3.75 -31.63
N ASN A 248 -1.81 -5.07 -31.57
CA ASN A 248 -0.76 -6.07 -31.49
C ASN A 248 -0.77 -7.00 -32.70
N PRO A 249 0.38 -7.56 -33.08
CA PRO A 249 0.38 -8.68 -34.00
C PRO A 249 -0.15 -9.93 -33.31
N PRO A 250 -0.80 -10.83 -34.05
CA PRO A 250 -1.34 -12.04 -33.42
C PRO A 250 -0.23 -12.96 -32.93
N ALA A 251 -0.48 -13.58 -31.77
CA ALA A 251 0.49 -14.47 -31.13
C ALA A 251 0.84 -15.68 -31.97
N THR A 252 -0.02 -16.08 -32.91
CA THR A 252 0.27 -17.24 -33.73
C THR A 252 1.23 -16.94 -34.88
N GLY A 253 1.54 -15.68 -35.16
CA GLY A 253 2.31 -15.30 -36.32
C GLY A 253 3.76 -14.99 -36.01
N ASP A 254 4.35 -14.13 -36.83
CA ASP A 254 5.75 -13.75 -36.75
C ASP A 254 5.89 -12.24 -36.58
N LEU A 255 6.98 -11.83 -35.97
CA LEU A 255 7.40 -10.43 -35.94
C LEU A 255 8.34 -10.16 -37.12
N TYR A 256 8.17 -9.00 -37.75
CA TYR A 256 8.98 -8.60 -38.90
C TYR A 256 9.91 -7.47 -38.52
N GLN A 257 10.95 -7.30 -39.35
CA GLN A 257 11.89 -6.21 -39.24
C GLN A 257 12.29 -5.73 -40.63
N MET A 258 12.24 -4.42 -40.84
CA MET A 258 12.65 -3.86 -42.12
C MET A 258 14.18 -3.91 -42.24
N SER A 259 14.68 -4.55 -43.30
CA SER A 259 16.11 -4.51 -43.56
C SER A 259 16.50 -3.11 -44.03
N GLU A 260 17.81 -2.81 -43.96
CA GLU A 260 18.26 -1.50 -44.38
C GLU A 260 18.05 -1.26 -45.87
N SER A 261 17.88 -2.32 -46.66
CA SER A 261 17.52 -2.21 -48.07
C SER A 261 16.02 -2.07 -48.27
N GLY A 262 15.24 -2.00 -47.20
CA GLY A 262 13.82 -1.74 -47.32
C GLY A 262 12.95 -2.96 -47.51
N GLU A 263 13.43 -4.15 -47.16
CA GLU A 263 12.67 -5.36 -47.38
C GLU A 263 12.22 -5.96 -46.06
N PRO A 264 10.96 -6.38 -45.95
CA PRO A 264 10.48 -6.99 -44.70
C PRO A 264 11.03 -8.40 -44.52
N VAL A 265 11.56 -8.68 -43.33
CA VAL A 265 12.11 -9.99 -42.99
C VAL A 265 11.41 -10.51 -41.74
N ALA A 266 10.87 -11.73 -41.82
CA ALA A 266 10.32 -12.38 -40.64
C ALA A 266 11.45 -12.86 -39.74
N VAL A 267 11.57 -12.32 -38.53
CA VAL A 267 12.74 -12.56 -37.71
C VAL A 267 12.47 -13.49 -36.53
N ARG A 268 11.25 -13.53 -35.99
CA ARG A 268 11.02 -14.42 -34.86
C ARG A 268 9.53 -14.57 -34.64
N GLY A 269 9.16 -15.61 -33.88
CA GLY A 269 7.73 -15.86 -33.64
C GLY A 269 7.19 -14.95 -32.54
N VAL A 270 5.94 -14.52 -32.71
CA VAL A 270 5.30 -13.63 -31.73
C VAL A 270 5.12 -14.35 -30.40
N GLU A 271 4.65 -15.60 -30.43
CA GLU A 271 4.31 -16.27 -29.18
C GLU A 271 5.53 -16.42 -28.27
N GLU A 272 6.66 -16.84 -28.83
CA GLU A 272 7.86 -16.99 -28.00
C GLU A 272 8.33 -15.63 -27.46
N PHE A 273 8.18 -14.58 -28.27
CA PHE A 273 8.47 -13.22 -27.81
C PHE A 273 7.60 -12.85 -26.59
N LEU A 274 6.31 -13.15 -26.67
CA LEU A 274 5.40 -12.83 -25.57
C LEU A 274 5.70 -13.66 -24.33
N ARG A 275 6.10 -14.92 -24.51
CA ARG A 275 6.41 -15.76 -23.37
C ARG A 275 7.66 -15.26 -22.65
N ASP A 276 8.71 -14.90 -23.40
CA ASP A 276 9.87 -14.24 -22.80
C ASP A 276 9.45 -12.96 -22.09
N PHE A 277 8.60 -12.16 -22.73
CA PHE A 277 8.07 -10.96 -22.08
C PHE A 277 7.41 -11.30 -20.75
N ASN A 278 6.46 -12.26 -20.75
CA ASN A 278 5.77 -12.59 -19.50
C ASN A 278 6.75 -13.06 -18.43
N ASN A 279 7.74 -13.87 -18.84
CA ASN A 279 8.71 -14.40 -17.89
C ASN A 279 9.57 -13.30 -17.27
N GLU A 280 10.01 -12.33 -18.06
CA GLU A 280 10.86 -11.32 -17.45
C GLU A 280 10.09 -10.18 -16.79
N THR A 281 8.83 -9.97 -17.16
CA THR A 281 8.06 -8.83 -16.68
C THR A 281 7.25 -9.19 -15.45
N TRP A 282 6.40 -10.20 -15.57
CA TRP A 282 5.49 -10.57 -14.49
C TRP A 282 6.01 -11.75 -13.69
N SER A 283 6.48 -12.80 -14.37
CA SER A 283 7.11 -13.96 -13.73
C SER A 283 6.17 -14.65 -12.75
N ASP A 284 4.88 -14.68 -13.08
CA ASP A 284 3.92 -15.28 -12.17
C ASP A 284 3.17 -16.41 -12.87
N ARG A 285 2.10 -16.87 -12.23
CA ARG A 285 1.41 -18.06 -12.72
C ARG A 285 0.66 -17.79 -14.02
N HIS A 286 0.42 -16.53 -14.39
CA HIS A 286 -0.39 -16.24 -15.57
C HIS A 286 0.43 -16.34 -16.84
N THR A 287 0.91 -17.56 -17.11
CA THR A 287 1.90 -17.72 -18.18
C THR A 287 1.31 -17.58 -19.58
N ASP A 288 -0.01 -17.63 -19.74
CA ASP A 288 -0.64 -17.45 -21.04
C ASP A 288 -1.15 -16.04 -21.26
N PHE A 289 -0.79 -15.10 -20.37
CA PHE A 289 -1.32 -13.74 -20.39
C PHE A 289 -0.99 -13.06 -21.71
N GLY A 290 -2.02 -12.58 -22.40
CA GLY A 290 -1.78 -11.91 -23.67
C GLY A 290 -1.45 -12.83 -24.82
N ILE A 291 -1.65 -14.13 -24.66
CA ILE A 291 -1.36 -15.11 -25.71
C ILE A 291 -2.60 -15.92 -26.02
N THR A 292 -3.15 -16.58 -25.01
CA THR A 292 -4.24 -17.54 -25.16
C THR A 292 -4.96 -17.79 -23.85
N THR B 3 27.05 2.66 6.83
CA THR B 3 25.98 3.25 7.63
C THR B 3 25.12 2.14 8.22
N THR B 4 24.61 2.34 9.43
CA THR B 4 23.69 1.37 10.02
C THR B 4 22.30 1.64 9.49
N LYS B 5 21.77 0.67 8.76
CA LYS B 5 20.47 0.80 8.11
C LYS B 5 19.36 0.62 9.13
N GLU B 6 18.28 1.39 8.96
CA GLU B 6 17.11 1.25 9.81
C GLU B 6 16.52 -0.15 9.66
N MET B 7 15.81 -0.59 10.68
CA MET B 7 15.11 -1.87 10.58
C MET B 7 14.08 -1.84 9.47
N THR B 8 13.92 -2.98 8.82
CA THR B 8 12.86 -3.19 7.84
CA THR B 8 12.86 -3.19 7.84
C THR B 8 11.72 -3.90 8.55
N LEU B 9 10.62 -3.19 8.74
CA LEU B 9 9.53 -3.68 9.55
C LEU B 9 8.29 -3.91 8.70
N GLN B 10 7.45 -4.83 9.18
CA GLN B 10 6.12 -5.05 8.64
C GLN B 10 5.26 -3.80 8.79
N ARG B 11 4.27 -3.68 7.90
CA ARG B 11 3.32 -2.59 7.92
C ARG B 11 1.91 -3.16 7.96
N ALA B 12 1.06 -2.58 8.79
CA ALA B 12 -0.32 -3.00 8.89
C ALA B 12 -1.22 -1.78 8.83
N ARG B 13 -2.49 -2.03 8.52
CA ARG B 13 -3.51 -0.99 8.54
C ARG B 13 -4.74 -1.57 9.22
N THR B 14 -5.68 -0.71 9.56
CA THR B 14 -7.00 -1.16 10.00
C THR B 14 -7.95 -1.20 8.82
N ALA B 15 -8.77 -2.25 8.78
CA ALA B 15 -9.73 -2.46 7.69
C ALA B 15 -11.01 -2.98 8.33
N SER B 16 -12.09 -2.22 8.18
CA SER B 16 -13.38 -2.53 8.81
C SER B 16 -13.20 -2.89 10.27
N GLY B 17 -12.32 -2.17 10.93
CA GLY B 17 -12.10 -2.40 12.34
C GLY B 17 -11.21 -3.57 12.68
N GLU B 18 -10.44 -4.11 11.72
CA GLU B 18 -9.55 -5.24 12.00
C GLU B 18 -8.15 -4.94 11.45
N LEU B 19 -7.16 -5.65 12.00
CA LEU B 19 -5.74 -5.47 11.68
C LEU B 19 -5.37 -6.26 10.43
N VAL B 20 -4.92 -5.56 9.38
CA VAL B 20 -4.59 -6.19 8.09
C VAL B 20 -3.20 -5.73 7.66
N PHE B 21 -2.38 -6.66 7.19
CA PHE B 21 -0.98 -6.35 6.91
C PHE B 21 -0.77 -6.04 5.43
N GLU B 22 -0.01 -4.97 5.16
CA GLU B 22 0.29 -4.53 3.81
C GLU B 22 1.54 -5.18 3.26
N THR B 23 2.36 -5.77 4.14
CA THR B 23 3.59 -6.44 3.77
C THR B 23 3.43 -7.95 3.95
N GLY B 24 4.34 -8.69 3.32
CA GLY B 24 4.14 -10.13 3.19
C GLY B 24 4.47 -10.95 4.40
N GLY B 25 5.32 -10.44 5.31
CA GLY B 25 5.64 -11.20 6.51
C GLY B 25 4.47 -11.34 7.48
N GLY B 26 3.53 -10.41 7.44
CA GLY B 26 2.32 -10.53 8.26
C GLY B 26 2.56 -10.41 9.76
N LEU B 27 1.53 -10.78 10.51
CA LEU B 27 1.60 -10.69 11.96
C LEU B 27 2.71 -11.56 12.53
N SER B 28 2.91 -12.75 11.95
CA SER B 28 3.94 -13.64 12.47
C SER B 28 5.33 -13.00 12.43
N GLN B 29 5.65 -12.31 11.35
CA GLN B 29 6.94 -11.62 11.30
C GLN B 29 6.96 -10.45 12.27
N ALA B 30 5.85 -9.69 12.35
CA ALA B 30 5.79 -8.56 13.27
C ALA B 30 6.04 -8.99 14.70
N LEU B 31 5.48 -10.14 15.10
CA LEU B 31 5.65 -10.56 16.49
C LEU B 31 7.09 -10.97 16.76
N GLN B 32 7.73 -11.59 15.77
CA GLN B 32 9.12 -11.97 15.96
C GLN B 32 10.02 -10.74 16.00
N ASP B 33 9.74 -9.73 15.16
CA ASP B 33 10.51 -8.49 15.20
C ASP B 33 10.28 -7.72 16.51
N GLY B 34 9.12 -7.90 17.14
CA GLY B 34 8.79 -7.15 18.34
C GLY B 34 8.26 -5.75 18.10
N CYS B 35 8.10 -5.34 16.84
CA CYS B 35 7.55 -4.05 16.51
C CYS B 35 7.14 -4.05 15.05
N PHE B 36 6.27 -3.09 14.71
CA PHE B 36 5.83 -2.92 13.32
C PHE B 36 5.21 -1.54 13.18
N TYR B 37 4.91 -1.17 11.94
CA TYR B 37 4.27 0.10 11.64
C TYR B 37 2.77 -0.11 11.45
N LEU B 38 1.96 0.77 12.03
CA LEU B 38 0.51 0.67 11.97
C LEU B 38 -0.06 1.95 11.38
N ALA B 39 -0.72 1.83 10.23
CA ALA B 39 -1.23 3.00 9.52
C ALA B 39 -2.18 3.77 10.43
N ILE B 40 -1.98 5.08 10.47
CA ILE B 40 -2.82 5.99 11.24
C ILE B 40 -4.15 6.16 10.51
N PRO B 41 -5.27 5.79 11.13
CA PRO B 41 -6.56 5.97 10.47
C PRO B 41 -6.75 7.40 9.97
N GLU B 42 -7.28 7.50 8.74
CA GLU B 42 -7.29 8.76 8.01
C GLU B 42 -8.03 9.87 8.73
N ASP B 43 -9.01 9.54 9.56
CA ASP B 43 -9.81 10.59 10.16
C ASP B 43 -9.14 11.24 11.36
N ILE B 44 -8.08 10.63 11.91
CA ILE B 44 -7.45 11.13 13.13
C ILE B 44 -6.75 12.45 12.85
N ASP B 45 -6.91 13.41 13.77
CA ASP B 45 -6.20 14.66 13.74
C ASP B 45 -5.05 14.57 14.75
N LEU B 46 -3.83 14.52 14.23
CA LEU B 46 -2.63 14.40 15.07
C LEU B 46 -2.20 15.73 15.65
N GLU B 47 -2.71 16.85 15.13
CA GLU B 47 -2.14 18.15 15.50
C GLU B 47 -2.32 18.48 16.98
N PRO B 48 -3.39 18.08 17.66
CA PRO B 48 -3.41 18.35 19.12
C PRO B 48 -2.26 17.68 19.85
N GLY B 49 -1.85 16.48 19.42
CA GLY B 49 -0.74 15.82 20.08
C GLY B 49 0.59 16.49 19.77
N LYS B 50 0.80 16.83 18.51
CA LYS B 50 2.00 17.59 18.17
C LYS B 50 2.03 18.93 18.90
N LEU B 51 0.88 19.60 18.99
CA LEU B 51 0.84 20.89 19.67
C LEU B 51 1.25 20.77 21.13
N LEU B 52 0.69 19.79 21.85
CA LEU B 52 1.09 19.59 23.24
C LEU B 52 2.59 19.33 23.36
N CYS B 53 3.15 18.51 22.47
CA CYS B 53 4.57 18.19 22.55
C CYS B 53 5.46 19.40 22.29
N ARG B 54 4.96 20.38 21.55
CA ARG B 54 5.69 21.60 21.24
C ARG B 54 5.48 22.70 22.26
N GLN B 55 4.48 22.56 23.12
CA GLN B 55 4.09 23.65 24.01
C GLN B 55 4.12 23.33 25.50
N PHE B 56 4.08 22.06 25.92
CA PHE B 56 3.70 21.77 27.30
C PHE B 56 4.72 22.28 28.29
N TYR B 57 5.98 22.36 27.90
CA TYR B 57 7.07 22.78 28.76
C TYR B 57 7.24 24.30 28.78
N ARG B 58 6.33 25.06 28.09
CA ARG B 58 6.38 26.51 28.02
C ARG B 58 5.40 27.14 29.00
N PRO B 59 5.66 28.36 29.47
CA PRO B 59 4.75 28.99 30.42
C PRO B 59 3.42 29.34 29.76
N ALA B 60 2.34 29.22 30.55
CA ALA B 60 1.02 29.56 30.02
C ALA B 60 0.93 31.04 29.65
N HIS B 61 1.60 31.90 30.42
CA HIS B 61 1.64 33.34 30.19
C HIS B 61 3.08 33.81 30.10
N PRO B 62 3.38 34.77 29.19
CA PRO B 62 2.41 35.39 28.29
C PRO B 62 2.10 34.54 27.06
N GLY B 63 0.98 34.79 26.39
CA GLY B 63 0.67 34.02 25.20
C GLY B 63 -0.82 33.95 24.94
N SER B 64 -1.16 33.44 23.77
CA SER B 64 -2.53 33.47 23.30
C SER B 64 -3.40 32.57 24.16
N PRO B 65 -4.70 32.88 24.29
CA PRO B 65 -5.58 32.02 25.07
C PRO B 65 -5.79 30.65 24.45
N GLU B 66 -5.62 30.54 23.13
CA GLU B 66 -5.76 29.24 22.47
C GLU B 66 -4.64 28.28 22.86
N LEU B 67 -3.41 28.77 23.01
CA LEU B 67 -2.30 27.92 23.41
C LEU B 67 -2.26 27.65 24.90
N ARG B 68 -2.87 28.51 25.71
CA ARG B 68 -2.86 28.38 27.16
C ARG B 68 -3.12 26.97 27.68
N PRO B 69 -4.16 26.24 27.25
CA PRO B 69 -4.38 24.88 27.79
C PRO B 69 -3.35 23.85 27.35
N TYR B 70 -2.46 24.20 26.42
CA TYR B 70 -1.37 23.31 26.00
C TYR B 70 -0.06 23.61 26.70
N ARG B 71 -0.06 24.57 27.63
CA ARG B 71 1.18 25.09 28.21
C ARG B 71 1.12 25.02 29.74
N GLY B 72 2.24 25.33 30.39
CA GLY B 72 2.28 25.42 31.84
C GLY B 72 2.46 24.10 32.58
N PHE B 73 2.76 23.00 31.87
CA PHE B 73 2.74 21.72 32.56
C PHE B 73 3.95 21.48 33.45
N ARG B 74 5.03 22.27 33.35
CA ARG B 74 6.13 22.09 34.30
C ARG B 74 5.68 22.36 35.74
N ARG B 75 4.53 23.01 35.93
CA ARG B 75 3.99 23.29 37.25
C ARG B 75 3.08 22.18 37.78
N ASN B 76 2.78 21.14 36.99
CA ASN B 76 1.91 20.07 37.44
C ASN B 76 2.79 18.93 37.94
N ASP B 77 2.87 18.77 39.27
CA ASP B 77 3.73 17.76 39.87
C ASP B 77 3.18 16.35 39.73
N GLY B 78 1.88 16.19 39.46
CA GLY B 78 1.33 14.85 39.30
C GLY B 78 1.68 14.16 37.99
N ILE B 79 1.92 14.92 36.92
CA ILE B 79 2.06 14.34 35.59
C ILE B 79 3.27 14.84 34.81
N TYR B 80 4.04 15.78 35.34
CA TYR B 80 5.21 16.31 34.62
C TYR B 80 6.49 15.79 35.27
N PHE B 81 7.43 15.31 34.46
CA PHE B 81 8.65 14.68 34.95
C PHE B 81 9.87 15.27 34.25
N ASP B 82 10.63 16.07 34.98
CA ASP B 82 11.93 16.56 34.58
C ASP B 82 12.97 15.50 34.94
N ARG B 83 13.47 14.77 33.94
CA ARG B 83 14.41 13.69 34.24
C ARG B 83 15.79 14.27 34.49
N GLU B 84 16.45 13.75 35.54
CA GLU B 84 17.74 14.30 35.96
C GLU B 84 18.88 13.94 35.00
N TYR B 85 18.89 12.73 34.46
CA TYR B 85 20.07 12.25 33.76
C TYR B 85 19.86 12.12 32.26
N TYR B 86 18.72 12.55 31.73
CA TYR B 86 18.42 12.41 30.31
C TYR B 86 17.79 13.68 29.77
N GLN B 87 17.95 13.87 28.45
CA GLN B 87 17.43 15.06 27.81
C GLN B 87 15.91 15.13 27.89
N THR B 88 15.24 13.99 28.02
CA THR B 88 13.78 13.98 27.92
C THR B 88 13.14 14.60 29.16
N GLU B 89 12.13 15.41 28.94
CA GLU B 89 11.16 15.76 29.96
C GLU B 89 9.82 15.35 29.39
N HIS B 90 8.98 14.75 30.23
CA HIS B 90 7.77 14.20 29.65
C HIS B 90 6.59 14.36 30.58
N ILE B 91 5.42 14.51 29.97
CA ILE B 91 4.16 14.27 30.64
C ILE B 91 3.92 12.77 30.64
N LEU B 92 3.55 12.22 31.79
CA LEU B 92 3.04 10.87 31.88
C LEU B 92 1.73 10.94 32.64
N ALA B 93 0.62 10.59 32.00
CA ALA B 93 -0.68 10.78 32.62
C ALA B 93 -1.57 9.58 32.33
N ASP B 94 -2.23 9.04 33.38
CA ASP B 94 -3.18 7.96 33.16
C ASP B 94 -4.51 8.54 32.67
N GLY B 95 -5.50 7.66 32.45
CA GLY B 95 -6.79 8.05 31.92
C GLY B 95 -7.45 9.20 32.67
N PRO B 96 -7.65 9.03 33.98
CA PRO B 96 -8.27 10.12 34.76
C PRO B 96 -7.49 11.42 34.72
N ALA B 97 -6.15 11.35 34.82
CA ALA B 97 -5.33 12.56 34.78
C ALA B 97 -5.44 13.27 33.44
N ARG B 98 -5.56 12.51 32.34
CA ARG B 98 -5.78 13.10 31.03
C ARG B 98 -7.08 13.91 30.99
N GLU B 99 -8.18 13.29 31.42
CA GLU B 99 -9.45 14.00 31.43
CA GLU B 99 -9.45 14.00 31.43
C GLU B 99 -9.38 15.25 32.32
N LYS B 100 -8.65 15.16 33.43
CA LYS B 100 -8.58 16.30 34.35
C LYS B 100 -7.68 17.41 33.83
N TYR B 101 -6.57 17.09 33.17
CA TYR B 101 -5.54 18.09 32.90
C TYR B 101 -5.26 18.40 31.43
N LEU B 102 -5.65 17.54 30.50
CA LEU B 102 -5.24 17.84 29.13
C LEU B 102 -6.39 18.40 28.30
N PRO B 103 -6.10 19.15 27.25
CA PRO B 103 -7.17 19.69 26.43
C PRO B 103 -8.01 18.58 25.84
N PRO B 104 -9.31 18.81 25.66
CA PRO B 104 -10.18 17.73 25.18
C PRO B 104 -9.79 17.14 23.85
N ASP B 105 -9.27 17.93 22.91
CA ASP B 105 -8.94 17.32 21.62
C ASP B 105 -7.66 16.49 21.71
N VAL B 106 -6.87 16.69 22.76
CA VAL B 106 -5.77 15.76 23.05
C VAL B 106 -6.30 14.48 23.65
N VAL B 107 -7.23 14.60 24.61
CA VAL B 107 -7.91 13.42 25.16
C VAL B 107 -8.52 12.59 24.03
N ALA B 108 -9.13 13.24 23.04
CA ALA B 108 -9.76 12.51 21.96
C ALA B 108 -8.74 11.73 21.15
N LEU B 109 -7.61 12.35 20.83
CA LEU B 109 -6.53 11.65 20.15
C LEU B 109 -6.05 10.44 20.94
N CYS B 110 -5.81 10.61 22.26
CA CYS B 110 -5.37 9.50 23.09
C CYS B 110 -6.35 8.33 23.06
N GLU B 111 -7.65 8.61 23.14
CA GLU B 111 -8.62 7.52 23.12
C GLU B 111 -8.55 6.75 21.80
N ARG B 112 -8.32 7.45 20.69
CA ARG B 112 -8.19 6.75 19.41
C ARG B 112 -6.94 5.89 19.36
N MET B 113 -5.83 6.39 19.91
CA MET B 113 -4.61 5.61 19.98
C MET B 113 -4.76 4.42 20.92
N THR B 114 -5.38 4.64 22.08
CA THR B 114 -5.59 3.51 22.98
C THR B 114 -6.39 2.39 22.32
N SER B 115 -7.43 2.74 21.57
CA SER B 115 -8.21 1.71 20.91
C SER B 115 -7.36 0.90 19.95
N LEU B 116 -6.42 1.55 19.26
CA LEU B 116 -5.53 0.80 18.38
C LEU B 116 -4.60 -0.10 19.17
N ALA B 117 -4.14 0.37 20.34
CA ALA B 117 -3.30 -0.47 21.18
C ALA B 117 -4.04 -1.72 21.62
N LEU B 118 -5.31 -1.57 22.00
CA LEU B 118 -6.12 -2.74 22.40
C LEU B 118 -6.41 -3.66 21.23
N LEU B 119 -6.64 -3.09 20.02
CA LEU B 119 -6.81 -3.93 18.84
C LEU B 119 -5.57 -4.79 18.57
N VAL B 120 -4.38 -4.19 18.66
CA VAL B 120 -3.16 -4.97 18.52
C VAL B 120 -3.06 -6.03 19.62
N LEU B 121 -3.41 -5.67 20.85
CA LEU B 121 -3.29 -6.61 21.95
C LEU B 121 -4.17 -7.84 21.73
N THR B 122 -5.43 -7.62 21.32
CA THR B 122 -6.32 -8.76 21.10
C THR B 122 -5.89 -9.55 19.87
N SER B 123 -5.48 -8.84 18.81
CA SER B 123 -4.94 -9.53 17.65
C SER B 123 -3.76 -10.42 18.02
N THR B 124 -2.93 -9.96 18.97
CA THR B 124 -1.73 -10.70 19.36
C THR B 124 -2.06 -11.88 20.27
N LEU B 125 -2.97 -11.66 21.22
CA LEU B 125 -3.42 -12.76 22.08
C LEU B 125 -4.06 -13.86 21.25
N THR B 126 -4.90 -13.49 20.27
CA THR B 126 -5.53 -14.48 19.42
C THR B 126 -4.49 -15.23 18.60
N GLY B 127 -3.56 -14.50 17.98
CA GLY B 127 -2.55 -15.15 17.16
C GLY B 127 -1.68 -16.13 17.92
N LEU B 128 -1.44 -15.87 19.20
CA LEU B 128 -0.68 -16.79 20.03
C LEU B 128 -1.55 -17.90 20.61
N GLY B 129 -2.85 -17.89 20.32
CA GLY B 129 -3.73 -18.94 20.77
C GLY B 129 -4.06 -18.93 22.25
N ILE B 130 -3.98 -17.77 22.89
CA ILE B 130 -4.31 -17.68 24.32
C ILE B 130 -5.82 -17.59 24.48
N ASP B 131 -6.38 -18.49 25.28
CA ASP B 131 -7.82 -18.57 25.47
C ASP B 131 -8.40 -17.24 25.97
N GLU B 132 -9.46 -16.76 25.30
CA GLU B 132 -10.11 -15.52 25.69
C GLU B 132 -10.57 -15.52 27.15
N ALA B 133 -10.81 -16.69 27.73
CA ALA B 133 -11.31 -16.75 29.10
C ALA B 133 -10.31 -16.24 30.11
N VAL B 134 -9.02 -16.15 29.75
CA VAL B 134 -7.99 -15.67 30.67
C VAL B 134 -7.48 -14.29 30.30
N TRP B 135 -8.03 -13.66 29.26
CA TRP B 135 -7.50 -12.36 28.82
C TRP B 135 -7.58 -11.31 29.93
N GLU B 136 -8.75 -11.16 30.55
CA GLU B 136 -8.91 -10.11 31.55
C GLU B 136 -7.97 -10.33 32.74
N LYS B 137 -7.74 -11.59 33.11
CA LYS B 137 -6.86 -11.86 34.23
C LYS B 137 -5.40 -11.60 33.88
N VAL B 138 -4.93 -12.16 32.76
CA VAL B 138 -3.49 -12.06 32.47
C VAL B 138 -3.08 -10.63 32.09
N THR B 139 -4.03 -9.77 31.69
CA THR B 139 -3.72 -8.39 31.37
C THR B 139 -4.17 -7.42 32.46
N GLY B 140 -4.61 -7.91 33.61
CA GLY B 140 -5.08 -7.03 34.66
C GLY B 140 -6.19 -6.12 34.22
N GLY B 141 -7.04 -6.59 33.30
CA GLY B 141 -8.13 -5.80 32.75
C GLY B 141 -7.73 -4.89 31.61
N ALA B 142 -6.44 -4.78 31.30
CA ALA B 142 -6.00 -3.85 30.25
C ALA B 142 -6.63 -4.19 28.91
N VAL B 143 -6.89 -5.47 28.65
CA VAL B 143 -7.35 -5.89 27.33
C VAL B 143 -8.66 -5.22 26.96
N GLY B 144 -9.51 -4.96 27.94
CA GLY B 144 -10.79 -4.34 27.64
C GLY B 144 -10.85 -2.85 27.93
N GLY B 145 -9.70 -2.21 28.07
CA GLY B 145 -9.68 -0.78 28.38
C GLY B 145 -9.54 -0.45 29.85
N GLY B 146 -9.46 -1.44 30.72
CA GLY B 146 -9.13 -1.21 32.10
C GLY B 146 -7.64 -1.25 32.35
N GLY B 147 -7.23 -1.80 33.50
CA GLY B 147 -5.83 -1.72 33.83
C GLY B 147 -5.42 -0.27 33.93
N THR B 148 -4.24 0.05 33.40
CA THR B 148 -3.81 1.44 33.35
C THR B 148 -3.45 1.75 31.91
N GLN B 149 -4.11 2.76 31.36
CA GLN B 149 -3.87 3.21 29.98
C GLN B 149 -3.07 4.51 30.09
N TRP B 150 -1.76 4.42 29.90
CA TRP B 150 -0.85 5.56 30.03
C TRP B 150 -0.76 6.36 28.75
N PHE B 151 -0.45 7.65 28.91
CA PHE B 151 -0.10 8.54 27.80
C PHE B 151 1.19 9.25 28.17
N ALA B 152 2.09 9.36 27.20
CA ALA B 152 3.33 10.09 27.39
C ALA B 152 3.48 11.10 26.27
N ALA B 153 3.92 12.29 26.64
CA ALA B 153 4.34 13.32 25.70
C ALA B 153 5.76 13.71 26.09
N SER B 154 6.72 13.49 25.18
CA SER B 154 8.13 13.69 25.50
C SER B 154 8.69 14.86 24.69
N HIS B 155 9.51 15.69 25.34
CA HIS B 155 10.26 16.73 24.66
C HIS B 155 11.74 16.52 24.94
N TYR B 156 12.57 16.46 23.90
CA TYR B 156 13.99 16.16 24.06
C TYR B 156 14.78 17.46 24.10
N ARG B 157 15.34 17.78 25.27
CA ARG B 157 16.02 19.04 25.54
C ARG B 157 17.46 18.96 25.05
N PRO B 158 17.80 19.62 23.95
CA PRO B 158 19.12 19.40 23.33
C PRO B 158 20.28 20.01 24.10
N GLU B 159 20.03 20.99 24.96
CA GLU B 159 21.11 21.65 25.68
C GLU B 159 21.83 20.73 26.65
N ARG B 160 21.27 19.55 26.94
CA ARG B 160 21.82 18.63 27.93
C ARG B 160 22.72 17.59 27.27
N HIS B 161 23.93 17.41 27.81
CA HIS B 161 24.86 16.43 27.24
C HIS B 161 24.61 15.06 27.86
N GLN B 162 23.49 14.47 27.43
CA GLN B 162 22.98 13.23 27.97
C GLN B 162 22.34 12.44 26.84
N LEU B 163 22.13 11.15 27.07
CA LEU B 163 21.27 10.40 26.16
C LEU B 163 19.91 11.06 26.08
N GLY B 164 19.29 10.94 24.90
CA GLY B 164 17.96 11.46 24.69
C GLY B 164 16.98 10.83 25.66
N CYS B 165 16.91 9.52 25.63
CA CYS B 165 16.02 8.73 26.48
C CYS B 165 16.79 7.54 27.01
N ALA B 166 16.56 7.18 28.27
CA ALA B 166 17.24 6.03 28.84
C ALA B 166 16.91 4.77 28.05
N PRO B 167 17.88 3.88 27.84
CA PRO B 167 17.55 2.56 27.30
C PRO B 167 16.55 1.85 28.19
N HIS B 168 15.51 1.29 27.58
CA HIS B 168 14.49 0.63 28.37
C HIS B 168 13.66 -0.28 27.47
N LYS B 169 13.00 -1.23 28.11
CA LYS B 169 11.85 -1.91 27.53
C LYS B 169 10.60 -1.24 28.08
N ASP B 170 9.59 -1.02 27.23
CA ASP B 170 8.34 -0.51 27.78
C ASP B 170 7.80 -1.52 28.79
N THR B 171 7.05 -1.03 29.79
CA THR B 171 6.71 -1.92 30.90
C THR B 171 5.42 -2.68 30.71
N GLY B 172 4.58 -2.27 29.77
CA GLY B 172 3.22 -2.77 29.64
C GLY B 172 3.09 -3.88 28.62
N PHE B 173 1.92 -3.94 27.98
CA PHE B 173 1.66 -4.96 26.98
C PHE B 173 1.89 -4.47 25.55
N VAL B 174 1.30 -3.34 25.19
CA VAL B 174 1.40 -2.78 23.85
C VAL B 174 1.62 -1.28 23.97
N THR B 175 2.50 -0.76 23.10
CA THR B 175 2.78 0.67 22.93
C THR B 175 2.34 1.12 21.54
N VAL B 176 1.70 2.27 21.43
CA VAL B 176 1.45 2.92 20.14
C VAL B 176 2.17 4.26 20.19
N LEU B 177 3.17 4.45 19.32
CA LEU B 177 4.07 5.60 19.41
C LEU B 177 4.02 6.45 18.15
N TYR B 178 3.95 7.78 18.33
CA TYR B 178 4.06 8.72 17.23
C TYR B 178 5.43 9.37 17.27
N ILE B 179 6.21 9.18 16.20
CA ILE B 179 7.49 9.86 16.02
C ILE B 179 7.52 10.47 14.63
N GLU B 180 8.28 11.55 14.50
CA GLU B 180 8.50 12.26 13.25
C GLU B 180 9.97 12.42 12.89
N GLN B 181 10.88 12.21 13.83
CA GLN B 181 12.30 12.43 13.62
C GLN B 181 13.10 11.17 13.92
N ASP B 182 14.29 11.10 13.33
CA ASP B 182 15.24 10.06 13.69
C ASP B 182 15.65 10.21 15.16
N GLY B 183 16.25 9.16 15.71
CA GLY B 183 16.80 9.19 17.05
C GLY B 183 16.49 7.95 17.87
N LEU B 184 15.34 7.35 17.60
CA LEU B 184 14.98 6.08 18.23
C LEU B 184 15.82 4.94 17.71
N GLU B 185 16.31 4.10 18.63
CA GLU B 185 17.11 2.94 18.26
C GLU B 185 16.67 1.75 19.07
N SER B 186 16.83 0.57 18.47
CA SER B 186 16.47 -0.69 19.12
C SER B 186 17.69 -1.59 19.17
N SER B 187 17.82 -2.35 20.25
CA SER B 187 18.96 -3.24 20.41
C SER B 187 18.57 -4.59 19.80
N VAL B 188 19.10 -4.86 18.60
CA VAL B 188 18.76 -6.05 17.83
C VAL B 188 20.03 -6.88 17.67
N GLY B 189 20.00 -8.12 18.16
CA GLY B 189 21.21 -8.93 18.16
C GLY B 189 22.41 -8.31 18.82
N GLY B 190 22.20 -7.43 19.79
CA GLY B 190 23.32 -6.81 20.50
C GLY B 190 23.84 -5.53 19.90
N GLU B 191 23.20 -5.01 18.85
CA GLU B 191 23.62 -3.80 18.16
C GLU B 191 22.48 -2.80 18.15
N TRP B 192 22.81 -1.52 18.30
CA TRP B 192 21.81 -0.45 18.22
C TRP B 192 21.44 -0.19 16.76
N ILE B 193 20.19 -0.43 16.41
CA ILE B 193 19.68 -0.29 15.05
C ILE B 193 18.66 0.84 15.04
N PRO B 194 18.74 1.80 14.12
CA PRO B 194 17.74 2.88 14.11
C PRO B 194 16.37 2.38 13.70
N ILE B 195 15.37 3.01 14.29
CA ILE B 195 13.98 2.85 13.90
C ILE B 195 13.55 4.18 13.29
N ALA B 196 13.24 4.18 12.01
CA ALA B 196 12.94 5.43 11.34
C ALA B 196 11.48 5.81 11.51
N PRO B 197 11.19 7.11 11.55
CA PRO B 197 9.80 7.53 11.44
C PRO B 197 9.29 7.19 10.04
N LEU B 198 8.05 6.72 9.97
CA LEU B 198 7.42 6.47 8.68
C LEU B 198 6.17 7.31 8.58
N PRO B 199 6.12 8.32 7.69
CA PRO B 199 4.96 9.22 7.65
C PRO B 199 3.66 8.46 7.44
N GLY B 200 2.65 8.83 8.21
CA GLY B 200 1.36 8.16 8.12
C GLY B 200 1.21 6.91 8.96
N TYR B 201 2.21 6.54 9.75
CA TYR B 201 2.16 5.33 10.57
C TYR B 201 2.55 5.63 12.00
N PHE B 202 1.90 4.96 12.95
CA PHE B 202 2.45 4.80 14.29
C PHE B 202 3.48 3.67 14.30
N LEU B 203 4.40 3.73 15.27
CA LEU B 203 5.21 2.57 15.63
C LEU B 203 4.52 1.81 16.75
N VAL B 204 4.40 0.51 16.59
CA VAL B 204 3.80 -0.36 17.60
C VAL B 204 4.89 -1.28 18.12
N ASN B 205 5.02 -1.38 19.44
CA ASN B 205 5.88 -2.42 19.99
C ASN B 205 5.23 -2.97 21.25
N PHE B 206 5.90 -3.94 21.87
CA PHE B 206 5.38 -4.64 23.02
C PHE B 206 6.25 -4.37 24.24
N GLY B 207 5.69 -4.56 25.43
CA GLY B 207 6.36 -4.24 26.67
C GLY B 207 6.72 -5.47 27.49
N GLY B 208 7.36 -5.20 28.64
CA GLY B 208 7.87 -6.27 29.48
C GLY B 208 6.79 -7.21 29.97
N ALA B 209 5.55 -6.74 30.07
CA ALA B 209 4.46 -7.59 30.51
C ALA B 209 4.07 -8.58 29.42
N THR B 210 4.11 -8.15 28.16
CA THR B 210 3.91 -9.09 27.06
C THR B 210 5.07 -10.07 26.96
N GLU B 211 6.29 -9.59 27.24
CA GLU B 211 7.46 -10.47 27.14
C GLU B 211 7.43 -11.52 28.24
N LEU B 212 7.14 -11.11 29.47
CA LEU B 212 7.03 -12.07 30.56
C LEU B 212 5.88 -13.05 30.32
N LEU B 213 4.77 -12.57 29.76
CA LEU B 213 3.60 -13.43 29.56
C LEU B 213 3.89 -14.57 28.60
N THR B 214 4.65 -14.30 27.54
CA THR B 214 4.84 -15.29 26.47
C THR B 214 6.21 -15.92 26.50
N ALA B 215 6.99 -15.74 27.57
CA ALA B 215 8.40 -16.15 27.54
C ALA B 215 8.57 -17.66 27.43
N ARG B 216 7.58 -18.45 27.85
CA ARG B 216 7.70 -19.90 27.80
C ARG B 216 6.87 -20.54 26.68
N MET B 217 6.32 -19.75 25.76
CA MET B 217 5.50 -20.31 24.69
C MET B 217 6.37 -20.63 23.49
N GLY B 218 5.75 -21.20 22.45
CA GLY B 218 6.52 -21.65 21.29
C GLY B 218 7.11 -20.51 20.49
N ARG B 219 6.40 -19.38 20.40
CA ARG B 219 6.87 -18.19 19.70
C ARG B 219 6.79 -17.03 20.67
N PRO B 220 7.77 -16.88 21.55
CA PRO B 220 7.72 -15.78 22.53
C PRO B 220 7.77 -14.43 21.83
N VAL B 221 7.16 -13.43 22.45
CA VAL B 221 7.17 -12.07 21.96
C VAL B 221 8.12 -11.25 22.83
N GLN B 222 9.07 -10.57 22.21
CA GLN B 222 10.06 -9.80 22.94
C GLN B 222 9.58 -8.37 23.14
N ALA B 223 10.03 -7.76 24.23
CA ALA B 223 9.96 -6.32 24.40
C ALA B 223 11.27 -5.73 23.90
N ILE B 224 11.21 -4.98 22.79
CA ILE B 224 12.43 -4.42 22.23
C ILE B 224 13.06 -3.46 23.23
N LEU B 225 14.37 -3.62 23.44
CA LEU B 225 15.12 -2.65 24.22
C LEU B 225 15.44 -1.45 23.32
N HIS B 226 15.02 -0.26 23.73
CA HIS B 226 15.18 0.90 22.85
C HIS B 226 15.65 2.10 23.63
N ARG B 227 16.28 3.03 22.91
CA ARG B 227 16.72 4.29 23.48
C ARG B 227 16.50 5.37 22.44
N VAL B 228 16.65 6.62 22.87
CA VAL B 228 16.78 7.74 21.95
C VAL B 228 18.18 8.30 22.10
N ARG B 229 18.88 8.45 21.00
CA ARG B 229 20.24 8.95 21.10
C ARG B 229 20.22 10.44 21.46
N SER B 230 21.39 10.93 21.89
CA SER B 230 21.49 12.32 22.32
C SER B 230 21.14 13.23 21.15
N CYS B 231 20.20 14.15 21.37
CA CYS B 231 19.75 15.07 20.34
C CYS B 231 20.64 16.31 20.40
N VAL B 232 21.10 16.78 19.25
CA VAL B 232 22.04 17.89 19.20
C VAL B 232 21.28 19.18 18.91
N THR B 233 21.80 20.31 19.39
CA THR B 233 21.24 21.60 19.01
C THR B 233 21.40 21.82 17.51
N GLU B 234 20.33 22.25 16.85
CA GLU B 234 20.30 22.38 15.39
C GLU B 234 19.21 23.37 15.03
N PRO B 235 19.57 24.64 14.78
CA PRO B 235 18.57 25.71 14.65
C PRO B 235 17.53 25.48 13.57
N ALA B 236 17.89 24.79 12.49
CA ALA B 236 16.94 24.61 11.40
C ALA B 236 16.01 23.41 11.61
N ARG B 237 16.11 22.71 12.75
CA ARG B 237 15.25 21.59 13.07
C ARG B 237 14.66 21.80 14.46
N GLU B 238 13.35 21.68 14.58
CA GLU B 238 12.69 21.82 15.87
C GLU B 238 13.18 20.73 16.82
N ASP B 239 13.06 20.98 18.14
CA ASP B 239 13.43 19.96 19.11
C ASP B 239 12.64 18.69 18.86
N ARG B 240 13.30 17.54 19.04
CA ARG B 240 12.63 16.25 18.89
C ARG B 240 11.53 16.09 19.93
N PHE B 241 10.44 15.43 19.53
CA PHE B 241 9.38 15.08 20.48
C PHE B 241 8.80 13.73 20.09
N SER B 242 7.98 13.18 20.98
CA SER B 242 7.22 12.00 20.66
C SER B 242 6.03 11.95 21.61
N PHE B 243 4.99 11.18 21.23
CA PHE B 243 3.90 10.91 22.15
C PHE B 243 3.39 9.50 21.90
N ALA B 244 2.83 8.90 22.94
CA ALA B 244 2.53 7.48 22.87
C ALA B 244 1.45 7.14 23.86
N VAL B 245 0.72 6.07 23.57
CA VAL B 245 -0.13 5.46 24.60
C VAL B 245 0.40 4.06 24.88
N PHE B 246 0.08 3.59 26.08
CA PHE B 246 0.55 2.29 26.53
C PHE B 246 -0.60 1.60 27.24
N ALA B 247 -0.83 0.34 26.92
CA ALA B 247 -1.81 -0.48 27.62
C ALA B 247 -1.09 -1.31 28.68
N ASN B 248 -1.27 -0.96 29.95
CA ASN B 248 -0.50 -1.50 31.05
C ASN B 248 -1.36 -2.26 32.05
N PRO B 249 -0.79 -3.24 32.75
CA PRO B 249 -1.48 -3.80 33.90
C PRO B 249 -1.40 -2.83 35.07
N PRO B 250 -2.37 -2.88 35.99
CA PRO B 250 -2.35 -1.95 37.14
C PRO B 250 -1.21 -2.25 38.11
N ALA B 251 -0.66 -1.18 38.68
CA ALA B 251 0.48 -1.31 39.57
C ALA B 251 0.15 -2.10 40.82
N THR B 252 -1.13 -2.18 41.18
CA THR B 252 -1.55 -2.98 42.32
C THR B 252 -1.66 -4.46 42.01
N GLY B 253 -1.53 -4.86 40.75
CA GLY B 253 -1.78 -6.22 40.31
C GLY B 253 -0.53 -7.09 40.28
N ASP B 254 -0.66 -8.25 39.64
CA ASP B 254 0.43 -9.18 39.45
C ASP B 254 0.70 -9.33 37.96
N LEU B 255 1.94 -9.70 37.64
CA LEU B 255 2.29 -10.07 36.26
C LEU B 255 2.19 -11.57 36.11
N TYR B 256 1.59 -12.01 35.00
CA TYR B 256 1.39 -13.42 34.74
C TYR B 256 2.33 -13.92 33.66
N GLN B 257 2.49 -15.24 33.66
CA GLN B 257 3.23 -15.95 32.61
C GLN B 257 2.47 -17.22 32.26
N MET B 258 2.26 -17.45 30.97
CA MET B 258 1.63 -18.69 30.53
C MET B 258 2.59 -19.86 30.74
N SER B 259 2.16 -20.86 31.49
CA SER B 259 3.00 -22.04 31.67
C SER B 259 3.09 -22.80 30.35
N GLU B 260 4.07 -23.71 30.28
CA GLU B 260 4.26 -24.51 29.08
C GLU B 260 3.04 -25.37 28.76
N SER B 261 2.21 -25.67 29.76
CA SER B 261 0.96 -26.39 29.58
C SER B 261 -0.23 -25.46 29.28
N GLY B 262 0.02 -24.17 29.15
CA GLY B 262 -1.04 -23.24 28.79
C GLY B 262 -1.83 -22.70 29.96
N GLU B 263 -1.26 -22.67 31.15
CA GLU B 263 -2.00 -22.19 32.32
C GLU B 263 -1.39 -20.89 32.79
N PRO B 264 -2.21 -19.86 33.06
CA PRO B 264 -1.67 -18.59 33.55
C PRO B 264 -1.28 -18.70 35.03
N VAL B 265 -0.07 -18.28 35.36
CA VAL B 265 0.39 -18.30 36.74
C VAL B 265 0.92 -16.92 37.10
N ALA B 266 0.51 -16.42 38.27
CA ALA B 266 1.01 -15.15 38.77
C ALA B 266 2.45 -15.33 39.22
N VAL B 267 3.36 -14.56 38.61
CA VAL B 267 4.78 -14.77 38.79
C VAL B 267 5.44 -13.68 39.64
N ARG B 268 4.92 -12.46 39.61
CA ARG B 268 5.63 -11.32 40.20
C ARG B 268 4.63 -10.19 40.44
N GLY B 269 4.92 -9.34 41.43
CA GLY B 269 4.09 -8.16 41.66
C GLY B 269 4.42 -7.05 40.65
N VAL B 270 3.36 -6.38 40.18
CA VAL B 270 3.57 -5.29 39.22
C VAL B 270 4.35 -4.15 39.87
N GLU B 271 3.94 -3.75 41.08
CA GLU B 271 4.57 -2.59 41.72
C GLU B 271 6.07 -2.79 41.90
N GLU B 272 6.49 -3.95 42.43
CA GLU B 272 7.92 -4.13 42.66
C GLU B 272 8.69 -4.19 41.34
N PHE B 273 8.08 -4.79 40.32
CA PHE B 273 8.64 -4.76 38.97
C PHE B 273 8.89 -3.34 38.51
N LEU B 274 7.88 -2.46 38.65
CA LEU B 274 7.99 -1.07 38.21
C LEU B 274 9.01 -0.31 39.03
N ARG B 275 9.09 -0.57 40.34
CA ARG B 275 10.13 0.09 41.13
C ARG B 275 11.51 -0.34 40.67
N ASP B 276 11.72 -1.64 40.43
CA ASP B 276 13.00 -2.09 39.87
C ASP B 276 13.27 -1.42 38.53
N PHE B 277 12.24 -1.30 37.70
CA PHE B 277 12.38 -0.64 36.41
C PHE B 277 12.86 0.79 36.57
N ASN B 278 12.17 1.57 37.41
CA ASN B 278 12.56 2.97 37.60
C ASN B 278 13.97 3.10 38.13
N ASN B 279 14.34 2.24 39.07
CA ASN B 279 15.66 2.33 39.68
C ASN B 279 16.77 2.03 38.68
N GLU B 280 16.54 1.08 37.80
CA GLU B 280 17.58 0.74 36.84
C GLU B 280 17.52 1.60 35.59
N THR B 281 16.39 2.26 35.32
CA THR B 281 16.22 3.00 34.08
C THR B 281 16.47 4.49 34.25
N TRP B 282 15.75 5.12 35.18
CA TRP B 282 15.84 6.56 35.38
C TRP B 282 16.72 6.93 36.56
N SER B 283 16.56 6.23 37.68
CA SER B 283 17.44 6.34 38.84
C SER B 283 17.47 7.76 39.42
N ASP B 284 16.37 8.50 39.26
CA ASP B 284 16.27 9.87 39.73
C ASP B 284 15.19 9.96 40.81
N ARG B 285 14.85 11.21 41.17
CA ARG B 285 13.96 11.43 42.31
C ARG B 285 12.51 11.01 42.06
N HIS B 286 12.11 10.74 40.82
CA HIS B 286 10.72 10.38 40.52
C HIS B 286 10.46 8.89 40.72
N THR B 287 10.56 8.44 41.98
CA THR B 287 10.53 7.00 42.24
C THR B 287 9.15 6.39 42.11
N ASP B 288 8.09 7.19 42.13
CA ASP B 288 6.74 6.70 41.93
C ASP B 288 6.26 6.88 40.48
N PHE B 289 7.16 7.27 39.58
CA PHE B 289 6.85 7.39 38.15
C PHE B 289 6.18 6.14 37.61
N GLY B 290 4.98 6.32 37.05
CA GLY B 290 4.23 5.22 36.44
C GLY B 290 3.65 4.23 37.41
N ILE B 291 3.61 4.59 38.69
CA ILE B 291 3.08 3.76 39.76
C ILE B 291 1.91 4.45 40.45
N THR B 292 2.13 5.66 40.96
CA THR B 292 1.10 6.45 41.61
C THR B 292 -0.12 6.70 40.72
N GLU C 6 -31.63 5.43 -6.14
CA GLU C 6 -31.84 6.22 -7.35
C GLU C 6 -31.35 7.66 -7.15
N MET C 7 -31.22 8.10 -5.89
CA MET C 7 -30.63 9.42 -5.61
C MET C 7 -29.16 9.44 -5.99
N THR C 8 -28.72 10.54 -6.58
CA THR C 8 -27.32 10.75 -6.98
C THR C 8 -26.65 11.78 -6.06
N LEU C 9 -26.13 11.29 -4.95
CA LEU C 9 -25.66 12.15 -3.86
C LEU C 9 -24.15 12.36 -3.89
N GLN C 10 -23.73 13.46 -3.27
CA GLN C 10 -22.33 13.70 -2.99
C GLN C 10 -21.79 12.67 -1.99
N ARG C 11 -20.46 12.53 -1.98
N ARG C 11 -20.46 12.52 -2.00
CA ARG C 11 -19.76 11.62 -1.09
CA ARG C 11 -19.76 11.64 -1.08
C ARG C 11 -18.61 12.38 -0.43
C ARG C 11 -18.62 12.39 -0.42
N ALA C 12 -18.48 12.22 0.89
CA ALA C 12 -17.42 12.86 1.64
C ALA C 12 -16.71 11.83 2.51
N ARG C 13 -15.57 12.27 3.05
CA ARG C 13 -14.70 11.44 3.85
C ARG C 13 -13.99 12.32 4.87
N THR C 14 -13.92 11.85 6.10
CA THR C 14 -13.23 12.60 7.13
C THR C 14 -11.73 12.38 7.00
N ALA C 15 -10.96 13.47 7.00
CA ALA C 15 -9.51 13.40 6.87
C ALA C 15 -8.89 14.39 7.85
N SER C 16 -8.19 13.86 8.85
CA SER C 16 -7.52 14.68 9.87
C SER C 16 -8.47 15.71 10.45
N GLY C 17 -9.67 15.25 10.82
CA GLY C 17 -10.66 16.09 11.45
C GLY C 17 -11.38 17.04 10.52
N GLU C 18 -11.27 16.85 9.21
CA GLU C 18 -11.87 17.72 8.23
C GLU C 18 -12.80 16.94 7.32
N LEU C 19 -13.91 17.56 6.95
CA LEU C 19 -14.84 16.98 5.98
C LEU C 19 -14.34 17.30 4.57
N VAL C 20 -13.91 16.28 3.83
CA VAL C 20 -13.39 16.45 2.46
C VAL C 20 -14.29 15.68 1.49
N PHE C 21 -14.75 16.36 0.44
CA PHE C 21 -15.66 15.74 -0.51
C PHE C 21 -14.91 15.00 -1.61
N GLU C 22 -15.35 13.78 -1.88
CA GLU C 22 -14.79 12.95 -2.94
C GLU C 22 -15.37 13.31 -4.29
N THR C 23 -16.54 13.92 -4.30
CA THR C 23 -17.28 14.21 -5.52
C THR C 23 -17.28 15.71 -5.78
N GLY C 24 -17.62 16.07 -7.02
CA GLY C 24 -17.35 17.43 -7.50
C GLY C 24 -18.32 18.47 -6.99
N GLY C 25 -19.54 18.08 -6.63
CA GLY C 25 -20.50 19.04 -6.12
C GLY C 25 -20.09 19.66 -4.80
N GLY C 26 -19.38 18.91 -3.96
CA GLY C 26 -18.90 19.46 -2.72
C GLY C 26 -19.99 19.74 -1.69
N LEU C 27 -19.56 20.46 -0.64
CA LEU C 27 -20.46 20.79 0.46
C LEU C 27 -21.64 21.63 -0.03
N SER C 28 -21.41 22.53 -0.98
CA SER C 28 -22.49 23.37 -1.50
C SER C 28 -23.62 22.52 -2.07
N GLN C 29 -23.28 21.54 -2.89
CA GLN C 29 -24.30 20.68 -3.47
C GLN C 29 -24.94 19.80 -2.41
N ALA C 30 -24.14 19.31 -1.46
CA ALA C 30 -24.70 18.42 -0.45
C ALA C 30 -25.70 19.14 0.43
N LEU C 31 -25.40 20.39 0.79
CA LEU C 31 -26.35 21.17 1.57
C LEU C 31 -27.59 21.47 0.75
N GLN C 32 -27.44 21.65 -0.56
CA GLN C 32 -28.60 21.84 -1.42
C GLN C 32 -29.43 20.57 -1.48
N ASP C 33 -28.78 19.41 -1.54
CA ASP C 33 -29.50 18.14 -1.56
C ASP C 33 -30.14 17.82 -0.21
N GLY C 34 -29.59 18.37 0.87
CA GLY C 34 -29.99 18.00 2.21
C GLY C 34 -29.51 16.65 2.69
N CYS C 35 -28.68 15.94 1.92
CA CYS C 35 -28.17 14.66 2.35
C CYS C 35 -26.95 14.32 1.50
N PHE C 36 -26.12 13.44 2.05
CA PHE C 36 -24.93 12.97 1.35
C PHE C 36 -24.42 11.72 2.02
N TYR C 37 -23.47 11.05 1.34
CA TYR C 37 -22.83 9.86 1.89
C TYR C 37 -21.52 10.26 2.57
N LEU C 38 -21.28 9.69 3.74
CA LEU C 38 -20.05 9.96 4.49
C LEU C 38 -19.33 8.64 4.72
N ALA C 39 -18.08 8.56 4.28
CA ALA C 39 -17.35 7.31 4.39
C ALA C 39 -17.24 6.88 5.84
N ILE C 40 -17.42 5.59 6.08
CA ILE C 40 -17.24 5.01 7.40
C ILE C 40 -15.74 4.90 7.63
N PRO C 41 -15.15 5.56 8.63
CA PRO C 41 -13.72 5.39 8.90
C PRO C 41 -13.32 3.92 8.95
N GLU C 42 -12.13 3.63 8.40
CA GLU C 42 -11.75 2.25 8.12
C GLU C 42 -11.56 1.41 9.38
N ASP C 43 -11.23 2.04 10.50
CA ASP C 43 -10.98 1.35 11.76
C ASP C 43 -12.25 1.11 12.57
N ILE C 44 -13.41 1.52 12.09
CA ILE C 44 -14.65 1.33 12.84
C ILE C 44 -15.11 -0.12 12.70
N ASP C 45 -15.48 -0.73 13.81
CA ASP C 45 -16.15 -2.03 13.80
C ASP C 45 -17.64 -1.80 13.95
N LEU C 46 -18.39 -2.08 12.88
CA LEU C 46 -19.83 -1.90 12.83
C LEU C 46 -20.59 -3.06 13.47
N GLU C 47 -19.92 -4.18 13.76
CA GLU C 47 -20.60 -5.37 14.27
C GLU C 47 -21.36 -5.16 15.57
N PRO C 48 -20.86 -4.44 16.58
CA PRO C 48 -21.69 -4.20 17.78
C PRO C 48 -23.03 -3.53 17.48
N GLY C 49 -23.11 -2.70 16.44
CA GLY C 49 -24.37 -2.10 16.06
C GLY C 49 -25.26 -3.05 15.27
N LYS C 50 -24.68 -3.77 14.33
CA LYS C 50 -25.47 -4.80 13.63
C LYS C 50 -25.93 -5.88 14.59
N LEU C 51 -25.08 -6.26 15.55
CA LEU C 51 -25.49 -7.26 16.54
C LEU C 51 -26.69 -6.78 17.34
N LEU C 52 -26.60 -5.59 17.92
CA LEU C 52 -27.72 -5.08 18.73
C LEU C 52 -29.00 -5.02 17.90
N CYS C 53 -28.90 -4.61 16.63
CA CYS C 53 -30.09 -4.51 15.78
C CYS C 53 -30.72 -5.86 15.54
N ARG C 54 -29.94 -6.94 15.65
CA ARG C 54 -30.43 -8.28 15.42
C ARG C 54 -30.90 -8.97 16.70
N GLN C 55 -30.55 -8.44 17.87
CA GLN C 55 -30.80 -9.12 19.14
C GLN C 55 -31.67 -8.37 20.15
N PHE C 56 -31.86 -7.05 20.01
CA PHE C 56 -32.41 -6.28 21.12
C PHE C 56 -33.84 -6.69 21.45
N TYR C 57 -34.59 -7.15 20.46
CA TYR C 57 -35.99 -7.48 20.62
C TYR C 57 -36.24 -8.95 20.96
N ARG C 58 -35.18 -9.75 21.13
CA ARG C 58 -35.28 -11.15 21.48
C ARG C 58 -35.15 -11.31 22.99
N PRO C 59 -35.59 -12.44 23.54
CA PRO C 59 -35.55 -12.61 25.00
C PRO C 59 -34.13 -12.74 25.53
N ALA C 60 -33.97 -12.31 26.77
CA ALA C 60 -32.67 -12.34 27.42
C ALA C 60 -32.15 -13.78 27.56
N HIS C 61 -33.06 -14.72 27.87
CA HIS C 61 -32.73 -16.13 27.94
C HIS C 61 -33.70 -16.93 27.08
N PRO C 62 -33.25 -18.04 26.46
CA PRO C 62 -31.91 -18.64 26.52
C PRO C 62 -30.95 -18.03 25.49
N GLY C 63 -29.65 -18.23 25.70
CA GLY C 63 -28.64 -17.68 24.84
C GLY C 63 -27.35 -17.49 25.60
N SER C 64 -26.28 -17.27 24.84
CA SER C 64 -24.96 -17.18 25.44
C SER C 64 -24.87 -16.01 26.41
N PRO C 65 -24.08 -16.13 27.48
CA PRO C 65 -23.94 -14.99 28.42
C PRO C 65 -23.22 -13.78 27.82
N GLU C 66 -22.46 -13.96 26.75
CA GLU C 66 -21.71 -12.84 26.17
C GLU C 66 -22.64 -11.97 25.34
N LEU C 67 -23.70 -12.60 24.85
CA LEU C 67 -24.73 -12.02 24.02
C LEU C 67 -25.89 -11.50 24.92
N ARG C 68 -25.87 -11.85 26.21
CA ARG C 68 -26.87 -11.36 27.16
C ARG C 68 -27.07 -9.85 27.17
N PRO C 69 -26.02 -9.01 27.20
CA PRO C 69 -26.26 -7.55 27.28
C PRO C 69 -26.85 -6.96 26.01
N TYR C 70 -26.93 -7.73 24.93
CA TYR C 70 -27.48 -7.24 23.67
C TYR C 70 -28.96 -7.53 23.54
N ARG C 71 -29.59 -8.04 24.59
CA ARG C 71 -30.91 -8.62 24.49
C ARG C 71 -31.83 -8.15 25.61
N GLY C 72 -33.10 -8.49 25.44
CA GLY C 72 -34.09 -8.26 26.48
C GLY C 72 -34.61 -6.86 26.57
N PHE C 73 -34.48 -6.06 25.50
CA PHE C 73 -34.80 -4.64 25.57
C PHE C 73 -36.30 -4.35 25.42
N ARG C 74 -37.11 -5.31 24.98
CA ARG C 74 -38.56 -5.11 24.99
C ARG C 74 -39.11 -4.88 26.39
N ARG C 75 -38.35 -5.20 27.43
CA ARG C 75 -38.75 -4.97 28.81
C ARG C 75 -38.32 -3.61 29.33
N ASN C 76 -37.51 -2.86 28.57
CA ASN C 76 -37.04 -1.56 29.01
C ASN C 76 -37.98 -0.50 28.45
N ASP C 77 -38.90 -0.03 29.30
CA ASP C 77 -39.91 0.92 28.88
C ASP C 77 -39.34 2.30 28.59
N GLY C 78 -38.13 2.60 29.08
CA GLY C 78 -37.58 3.93 28.89
C GLY C 78 -36.97 4.16 27.52
N ILE C 79 -36.50 3.11 26.85
CA ILE C 79 -35.72 3.26 25.63
C ILE C 79 -36.25 2.39 24.49
N TYR C 80 -37.21 1.50 24.76
CA TYR C 80 -37.72 0.63 23.71
C TYR C 80 -39.12 1.08 23.29
N PHE C 81 -39.34 1.21 21.98
CA PHE C 81 -40.61 1.71 21.47
C PHE C 81 -41.19 0.76 20.42
N ASP C 82 -42.25 0.06 20.81
CA ASP C 82 -43.08 -0.73 19.90
C ASP C 82 -44.11 0.21 19.27
N ARG C 83 -43.95 0.52 17.99
CA ARG C 83 -44.83 1.50 17.37
C ARG C 83 -46.12 0.81 16.95
N GLU C 84 -47.24 1.51 17.16
CA GLU C 84 -48.53 0.91 16.95
C GLU C 84 -48.88 0.78 15.47
N TYR C 85 -48.58 1.80 14.67
CA TYR C 85 -49.07 1.89 13.30
C TYR C 85 -48.00 1.67 12.24
N TYR C 86 -46.81 1.19 12.62
CA TYR C 86 -45.70 1.03 11.68
C TYR C 86 -44.90 -0.22 12.01
N GLN C 87 -44.24 -0.77 10.99
CA GLN C 87 -43.48 -2.01 11.17
C GLN C 87 -42.33 -1.85 12.13
N THR C 88 -41.79 -0.64 12.24
CA THR C 88 -40.60 -0.44 13.06
C THR C 88 -40.91 -0.57 14.56
N GLU C 89 -40.05 -1.30 15.26
CA GLU C 89 -39.83 -1.20 16.69
C GLU C 89 -38.40 -0.72 16.87
N HIS C 90 -38.17 0.18 17.81
CA HIS C 90 -36.84 0.76 17.87
C HIS C 90 -36.44 1.08 19.30
N ILE C 91 -35.14 0.96 19.54
CA ILE C 91 -34.51 1.60 20.67
C ILE C 91 -34.26 3.05 20.30
N LEU C 92 -34.56 3.96 21.23
CA LEU C 92 -34.10 5.34 21.16
C LEU C 92 -33.50 5.68 22.52
N ALA C 93 -32.19 5.88 22.57
CA ALA C 93 -31.50 6.13 23.83
C ALA C 93 -30.59 7.35 23.73
N ASP C 94 -30.59 8.18 24.77
CA ASP C 94 -29.66 9.30 24.82
C ASP C 94 -28.33 8.83 25.41
N GLY C 95 -27.40 9.78 25.58
CA GLY C 95 -26.06 9.49 26.06
C GLY C 95 -26.07 8.71 27.37
N PRO C 96 -26.63 9.29 28.42
CA PRO C 96 -26.75 8.54 29.69
C PRO C 96 -27.42 7.19 29.55
N ALA C 97 -28.52 7.08 28.79
CA ALA C 97 -29.21 5.80 28.64
C ALA C 97 -28.35 4.77 27.93
N ARG C 98 -27.58 5.19 26.92
CA ARG C 98 -26.64 4.27 26.30
C ARG C 98 -25.62 3.78 27.32
N GLU C 99 -25.09 4.70 28.11
CA GLU C 99 -24.09 4.35 29.12
C GLU C 99 -24.69 3.42 30.15
N LYS C 100 -25.96 3.58 30.46
CA LYS C 100 -26.62 2.79 31.51
C LYS C 100 -27.10 1.44 31.01
N TYR C 101 -27.54 1.34 29.75
CA TYR C 101 -28.28 0.16 29.29
C TYR C 101 -27.66 -0.59 28.14
N LEU C 102 -26.74 0.02 27.38
CA LEU C 102 -26.23 -0.69 26.21
C LEU C 102 -24.82 -1.24 26.46
N PRO C 103 -24.43 -2.27 25.72
CA PRO C 103 -23.08 -2.83 25.89
C PRO C 103 -22.03 -1.81 25.53
N PRO C 104 -20.87 -1.84 26.20
CA PRO C 104 -19.85 -0.81 25.94
C PRO C 104 -19.36 -0.79 24.50
N ASP C 105 -19.42 -1.92 23.79
CA ASP C 105 -19.01 -1.95 22.40
C ASP C 105 -19.97 -1.17 21.51
N VAL C 106 -21.23 -1.07 21.91
CA VAL C 106 -22.17 -0.25 21.18
C VAL C 106 -21.95 1.21 21.52
N VAL C 107 -21.72 1.50 22.80
CA VAL C 107 -21.44 2.88 23.22
C VAL C 107 -20.23 3.43 22.48
N ALA C 108 -19.20 2.61 22.31
CA ALA C 108 -18.01 3.03 21.57
C ALA C 108 -18.37 3.35 20.12
N LEU C 109 -19.13 2.48 19.47
CA LEU C 109 -19.55 2.72 18.10
C LEU C 109 -20.38 3.99 18.01
N CYS C 110 -21.25 4.24 19.00
CA CYS C 110 -22.06 5.45 18.99
C CYS C 110 -21.20 6.69 19.11
N GLU C 111 -20.15 6.64 19.95
CA GLU C 111 -19.30 7.80 20.13
C GLU C 111 -18.57 8.15 18.83
N ARG C 112 -18.14 7.15 18.07
CA ARG C 112 -17.48 7.41 16.79
C ARG C 112 -18.45 8.04 15.81
N MET C 113 -19.70 7.55 15.79
CA MET C 113 -20.70 8.11 14.88
C MET C 113 -21.08 9.53 15.30
N THR C 114 -21.21 9.77 16.60
CA THR C 114 -21.51 11.11 17.06
C THR C 114 -20.41 12.10 16.71
N SER C 115 -19.14 11.66 16.81
CA SER C 115 -18.05 12.57 16.43
C SER C 115 -18.19 12.98 14.96
N LEU C 116 -18.59 12.04 14.11
CA LEU C 116 -18.84 12.38 12.71
C LEU C 116 -20.01 13.36 12.59
N ALA C 117 -21.09 13.13 13.34
CA ALA C 117 -22.24 14.05 13.28
C ALA C 117 -21.82 15.47 13.64
N LEU C 118 -21.01 15.61 14.70
CA LEU C 118 -20.60 16.93 15.17
C LEU C 118 -19.68 17.62 14.16
N LEU C 119 -18.83 16.86 13.48
CA LEU C 119 -17.99 17.40 12.42
C LEU C 119 -18.83 17.91 11.25
N VAL C 120 -19.88 17.16 10.87
CA VAL C 120 -20.75 17.65 9.81
C VAL C 120 -21.41 18.95 10.25
N LEU C 121 -21.78 19.04 11.52
CA LEU C 121 -22.48 20.20 12.03
C LEU C 121 -21.58 21.44 12.04
N THR C 122 -20.38 21.33 12.62
CA THR C 122 -19.46 22.47 12.58
C THR C 122 -19.08 22.82 11.15
N SER C 123 -18.91 21.82 10.28
CA SER C 123 -18.58 22.13 8.89
C SER C 123 -19.73 22.88 8.22
N THR C 124 -20.96 22.48 8.52
CA THR C 124 -22.12 23.15 7.93
C THR C 124 -22.24 24.58 8.44
N LEU C 125 -22.12 24.77 9.76
CA LEU C 125 -22.22 26.11 10.32
C LEU C 125 -21.13 27.03 9.76
N THR C 126 -19.91 26.50 9.62
CA THR C 126 -18.84 27.28 8.99
C THR C 126 -19.14 27.58 7.54
N GLY C 127 -19.63 26.58 6.80
CA GLY C 127 -19.92 26.79 5.39
C GLY C 127 -21.07 27.75 5.17
N LEU C 128 -21.98 27.86 6.14
CA LEU C 128 -23.08 28.82 6.07
C LEU C 128 -22.68 30.20 6.56
N GLY C 129 -21.44 30.38 7.01
CA GLY C 129 -20.98 31.67 7.46
C GLY C 129 -21.58 32.13 8.77
N ILE C 130 -22.13 31.20 9.56
CA ILE C 130 -22.69 31.57 10.85
C ILE C 130 -21.56 31.80 11.84
N ASP C 131 -21.64 32.93 12.56
CA ASP C 131 -20.62 33.30 13.53
C ASP C 131 -20.44 32.22 14.58
N GLU C 132 -19.19 31.79 14.76
CA GLU C 132 -18.84 30.76 15.72
C GLU C 132 -19.17 31.14 17.16
N ALA C 133 -19.33 32.44 17.43
CA ALA C 133 -19.59 32.85 18.79
C ALA C 133 -21.01 32.50 19.23
N VAL C 134 -21.93 32.26 18.28
CA VAL C 134 -23.31 31.91 18.60
C VAL C 134 -23.61 30.44 18.38
N TRP C 135 -22.62 29.62 18.05
CA TRP C 135 -22.86 28.20 17.79
C TRP C 135 -23.45 27.50 19.00
N GLU C 136 -22.85 27.71 20.17
CA GLU C 136 -23.29 27.00 21.36
C GLU C 136 -24.71 27.39 21.74
N LYS C 137 -25.05 28.67 21.62
CA LYS C 137 -26.41 29.12 21.94
C LYS C 137 -27.41 28.53 20.97
N VAL C 138 -27.09 28.61 19.68
CA VAL C 138 -28.04 28.28 18.62
C VAL C 138 -28.29 26.77 18.51
N THR C 139 -27.35 25.92 18.94
CA THR C 139 -27.55 24.48 18.93
C THR C 139 -27.96 23.93 20.28
N GLY C 140 -28.22 24.80 21.26
CA GLY C 140 -28.52 24.32 22.60
C GLY C 140 -27.41 23.52 23.22
N GLY C 141 -26.16 23.77 22.82
CA GLY C 141 -25.04 23.00 23.30
C GLY C 141 -24.72 21.77 22.47
N ALA C 142 -25.57 21.41 21.52
CA ALA C 142 -25.33 20.19 20.74
C ALA C 142 -24.00 20.25 19.99
N VAL C 143 -23.61 21.44 19.54
CA VAL C 143 -22.45 21.56 18.65
C VAL C 143 -21.20 21.01 19.32
N GLY C 144 -21.06 21.13 20.63
CA GLY C 144 -19.87 20.66 21.31
C GLY C 144 -19.98 19.31 21.98
N GLY C 145 -21.03 18.55 21.66
CA GLY C 145 -21.26 17.28 22.28
C GLY C 145 -22.25 17.32 23.43
N GLY C 146 -22.77 18.49 23.76
CA GLY C 146 -23.82 18.61 24.74
C GLY C 146 -25.16 18.44 24.05
N GLY C 147 -26.18 19.17 24.52
CA GLY C 147 -27.52 18.97 23.99
C GLY C 147 -27.99 17.55 24.26
N THR C 148 -28.69 16.96 23.29
CA THR C 148 -29.08 15.57 23.38
C THR C 148 -28.50 14.84 22.17
N GLN C 149 -27.68 13.83 22.42
CA GLN C 149 -27.08 13.03 21.35
C GLN C 149 -27.82 11.71 21.33
N TRP C 150 -28.76 11.57 20.39
CA TRP C 150 -29.64 10.41 20.35
C TRP C 150 -29.02 9.26 19.57
N PHE C 151 -29.44 8.04 19.92
CA PHE C 151 -29.11 6.84 19.17
C PHE C 151 -30.40 6.07 18.92
N ALA C 152 -30.61 5.63 17.70
CA ALA C 152 -31.73 4.75 17.40
C ALA C 152 -31.22 3.44 16.82
N ALA C 153 -31.83 2.34 17.26
CA ALA C 153 -31.68 1.05 16.60
C ALA C 153 -33.06 0.56 16.21
N SER C 154 -33.28 0.38 14.91
CA SER C 154 -34.58 0.05 14.37
C SER C 154 -34.59 -1.36 13.81
N HIS C 155 -35.60 -2.13 14.19
CA HIS C 155 -35.86 -3.44 13.60
C HIS C 155 -37.21 -3.38 12.93
N TYR C 156 -37.26 -3.69 11.63
CA TYR C 156 -38.50 -3.62 10.88
C TYR C 156 -39.19 -4.99 10.94
N ARG C 157 -40.30 -5.06 11.69
CA ARG C 157 -41.13 -6.26 11.84
C ARG C 157 -41.98 -6.46 10.59
N PRO C 158 -41.71 -7.51 9.79
CA PRO C 158 -42.39 -7.62 8.49
C PRO C 158 -43.81 -8.18 8.55
N GLU C 159 -44.24 -8.75 9.68
CA GLU C 159 -45.54 -9.41 9.77
C GLU C 159 -46.72 -8.44 9.65
N ARG C 160 -46.51 -7.15 9.84
CA ARG C 160 -47.60 -6.18 9.87
C ARG C 160 -47.66 -5.44 8.54
N HIS C 161 -48.85 -5.33 7.94
CA HIS C 161 -48.92 -4.56 6.70
C HIS C 161 -49.12 -3.09 7.01
N GLN C 162 -48.02 -2.44 7.35
CA GLN C 162 -47.96 -1.01 7.56
C GLN C 162 -46.75 -0.49 6.82
N LEU C 163 -46.67 0.83 6.66
CA LEU C 163 -45.40 1.43 6.27
C LEU C 163 -44.30 0.97 7.22
N GLY C 164 -43.08 0.85 6.67
CA GLY C 164 -41.97 0.43 7.50
C GLY C 164 -41.66 1.46 8.57
N CYS C 165 -41.57 2.73 8.18
CA CYS C 165 -41.29 3.86 9.05
C CYS C 165 -42.22 5.00 8.65
N ALA C 166 -42.78 5.69 9.64
CA ALA C 166 -43.62 6.85 9.36
C ALA C 166 -42.84 7.89 8.55
N PRO C 167 -43.49 8.53 7.58
CA PRO C 167 -42.82 9.65 6.88
C PRO C 167 -42.48 10.75 7.86
N HIS C 168 -41.24 11.24 7.81
CA HIS C 168 -40.87 12.24 8.78
C HIS C 168 -39.64 13.02 8.33
N LYS C 169 -39.49 14.19 8.94
CA LYS C 169 -38.22 14.88 9.01
C LYS C 169 -37.57 14.60 10.36
N ASP C 170 -36.27 14.34 10.35
CA ASP C 170 -35.55 14.23 11.62
C ASP C 170 -35.64 15.55 12.37
N THR C 171 -35.59 15.48 13.70
CA THR C 171 -35.91 16.68 14.48
C THR C 171 -34.73 17.53 14.89
N GLY C 172 -33.50 17.04 14.80
CA GLY C 172 -32.35 17.76 15.35
C GLY C 172 -31.58 18.52 14.30
N PHE C 173 -30.26 18.51 14.43
CA PHE C 173 -29.38 19.23 13.51
C PHE C 173 -28.78 18.32 12.45
N VAL C 174 -28.19 17.20 12.86
CA VAL C 174 -27.49 16.29 11.95
C VAL C 174 -27.79 14.85 12.36
N THR C 175 -28.00 14.00 11.36
CA THR C 175 -28.23 12.56 11.50
C THR C 175 -27.10 11.83 10.78
N VAL C 176 -26.57 10.78 11.39
CA VAL C 176 -25.61 9.90 10.72
C VAL C 176 -26.23 8.50 10.77
N LEU C 177 -26.61 7.96 9.61
CA LEU C 177 -27.42 6.75 9.54
C LEU C 177 -26.67 5.63 8.83
N TYR C 178 -26.72 4.43 9.41
CA TYR C 178 -26.21 3.22 8.77
C TYR C 178 -27.36 2.38 8.22
N ILE C 179 -27.34 2.12 6.92
CA ILE C 179 -28.27 1.20 6.29
C ILE C 179 -27.49 0.20 5.45
N GLU C 180 -28.03 -1.02 5.32
CA GLU C 180 -27.48 -2.06 4.46
C GLU C 180 -28.45 -2.58 3.41
N GLN C 181 -29.75 -2.32 3.57
CA GLN C 181 -30.74 -2.85 2.66
C GLN C 181 -31.56 -1.70 2.08
N ASP C 182 -32.19 -1.98 0.95
CA ASP C 182 -33.13 -1.04 0.34
C ASP C 182 -34.34 -0.83 1.27
N GLY C 183 -35.14 0.17 0.94
CA GLY C 183 -36.33 0.46 1.71
C GLY C 183 -36.50 1.92 2.08
N LEU C 184 -35.39 2.61 2.35
CA LEU C 184 -35.43 4.05 2.62
C LEU C 184 -35.78 4.81 1.35
N GLU C 185 -36.61 5.86 1.49
CA GLU C 185 -37.01 6.72 0.39
C GLU C 185 -37.09 8.17 0.86
N SER C 186 -36.80 9.10 -0.06
CA SER C 186 -36.85 10.53 0.22
C SER C 186 -37.78 11.26 -0.75
N SER C 187 -38.43 12.31 -0.25
CA SER C 187 -39.39 13.10 -1.04
C SER C 187 -38.66 14.23 -1.74
N VAL C 188 -38.48 14.11 -3.06
CA VAL C 188 -37.69 15.03 -3.86
C VAL C 188 -38.59 15.57 -4.97
N GLY C 189 -38.76 16.89 -4.99
CA GLY C 189 -39.70 17.50 -5.90
C GLY C 189 -41.11 16.97 -5.81
N GLY C 190 -41.48 16.33 -4.70
CA GLY C 190 -42.81 15.77 -4.54
C GLY C 190 -42.93 14.29 -4.79
N GLU C 191 -41.85 13.59 -5.16
CA GLU C 191 -41.89 12.17 -5.47
C GLU C 191 -40.96 11.38 -4.55
N TRP C 192 -41.38 10.18 -4.17
CA TRP C 192 -40.57 9.31 -3.34
C TRP C 192 -39.44 8.70 -4.17
N ILE C 193 -38.20 9.03 -3.83
CA ILE C 193 -37.00 8.56 -4.53
C ILE C 193 -36.23 7.65 -3.57
N PRO C 194 -35.86 6.45 -3.99
CA PRO C 194 -35.13 5.56 -3.09
C PRO C 194 -33.74 6.09 -2.80
N ILE C 195 -33.29 5.82 -1.57
CA ILE C 195 -31.92 6.07 -1.16
C ILE C 195 -31.32 4.70 -0.97
N ALA C 196 -30.38 4.34 -1.83
CA ALA C 196 -29.83 3.00 -1.72
C ALA C 196 -28.72 2.95 -0.69
N PRO C 197 -28.50 1.79 -0.09
CA PRO C 197 -27.33 1.61 0.78
C PRO C 197 -26.06 1.60 -0.04
N LEU C 198 -25.07 2.35 0.41
CA LEU C 198 -23.79 2.42 -0.28
C LEU C 198 -22.75 1.79 0.63
N PRO C 199 -22.22 0.63 0.26
CA PRO C 199 -21.26 -0.05 1.14
C PRO C 199 -20.12 0.87 1.55
N GLY C 200 -19.77 0.83 2.83
CA GLY C 200 -18.68 1.61 3.36
C GLY C 200 -18.99 3.06 3.66
N TYR C 201 -20.25 3.48 3.50
CA TYR C 201 -20.67 4.86 3.71
C TYR C 201 -21.89 4.90 4.65
N PHE C 202 -21.89 5.88 5.56
CA PHE C 202 -23.11 6.32 6.22
C PHE C 202 -23.89 7.27 5.32
N LEU C 203 -25.19 7.37 5.58
CA LEU C 203 -26.01 8.44 5.02
C LEU C 203 -26.10 9.56 6.04
N VAL C 204 -25.89 10.79 5.59
CA VAL C 204 -25.96 11.97 6.46
C VAL C 204 -27.10 12.82 5.98
N ASN C 205 -27.95 13.30 6.89
CA ASN C 205 -28.92 14.31 6.48
C ASN C 205 -29.11 15.26 7.64
N PHE C 206 -29.95 16.27 7.43
CA PHE C 206 -30.18 17.29 8.44
C PHE C 206 -31.61 17.21 8.96
N GLY C 207 -31.82 17.77 10.15
CA GLY C 207 -33.10 17.72 10.82
C GLY C 207 -33.84 19.05 10.87
N GLY C 208 -35.01 19.00 11.50
CA GLY C 208 -35.86 20.19 11.56
C GLY C 208 -35.21 21.38 12.24
N ALA C 209 -34.31 21.14 13.20
CA ALA C 209 -33.69 22.26 13.90
C ALA C 209 -32.72 23.00 12.99
N THR C 210 -31.95 22.26 12.18
CA THR C 210 -31.17 22.87 11.11
C THR C 210 -32.06 23.61 10.12
N GLU C 211 -33.20 23.02 9.75
CA GLU C 211 -34.08 23.65 8.76
C GLU C 211 -34.63 24.97 9.28
N LEU C 212 -35.08 24.98 10.54
CA LEU C 212 -35.62 26.20 11.13
C LEU C 212 -34.51 27.23 11.34
N LEU C 213 -33.32 26.79 11.70
CA LEU C 213 -32.21 27.70 11.95
C LEU C 213 -31.83 28.47 10.68
N THR C 214 -31.90 27.82 9.52
CA THR C 214 -31.39 28.42 8.29
C THR C 214 -32.50 28.87 7.34
N ALA C 215 -33.74 28.93 7.80
CA ALA C 215 -34.87 29.04 6.91
C ALA C 215 -34.87 30.35 6.12
N ARG C 216 -34.25 31.41 6.63
CA ARG C 216 -34.25 32.71 5.96
C ARG C 216 -32.88 33.15 5.49
N MET C 217 -31.92 32.25 5.46
CA MET C 217 -30.60 32.62 4.98
C MET C 217 -30.54 32.47 3.46
N GLY C 218 -29.42 32.90 2.88
CA GLY C 218 -29.32 32.93 1.42
C GLY C 218 -29.45 31.57 0.78
N ARG C 219 -28.94 30.53 1.44
CA ARG C 219 -28.99 29.17 0.91
C ARG C 219 -29.47 28.26 2.03
N PRO C 220 -30.78 28.15 2.22
CA PRO C 220 -31.31 27.38 3.35
C PRO C 220 -30.99 25.90 3.21
N VAL C 221 -30.91 25.21 4.34
CA VAL C 221 -30.70 23.77 4.40
C VAL C 221 -32.01 23.12 4.79
N GLN C 222 -32.48 22.17 3.98
CA GLN C 222 -33.73 21.48 4.23
C GLN C 222 -33.50 20.23 5.08
N ALA C 223 -34.53 19.85 5.82
CA ALA C 223 -34.60 18.53 6.45
C ALA C 223 -35.38 17.63 5.49
N ILE C 224 -34.70 16.66 4.87
CA ILE C 224 -35.39 15.83 3.88
C ILE C 224 -36.52 15.08 4.55
N LEU C 225 -37.67 15.04 3.88
CA LEU C 225 -38.78 14.19 4.30
C LEU C 225 -38.51 12.78 3.78
N HIS C 226 -38.49 11.78 4.68
CA HIS C 226 -38.14 10.43 4.27
C HIS C 226 -39.03 9.41 4.97
N ARG C 227 -39.13 8.23 4.36
CA ARG C 227 -39.89 7.11 4.90
C ARG C 227 -39.19 5.81 4.54
N VAL C 228 -39.57 4.72 5.20
CA VAL C 228 -39.17 3.36 4.81
C VAL C 228 -40.41 2.62 4.34
N ARG C 229 -40.38 2.11 3.11
CA ARG C 229 -41.59 1.47 2.58
C ARG C 229 -41.86 0.17 3.32
N SER C 230 -43.08 -0.33 3.19
N SER C 230 -43.08 -0.33 3.19
CA SER C 230 -43.45 -1.57 3.84
CA SER C 230 -43.42 -1.55 3.91
C SER C 230 -42.45 -2.68 3.53
C SER C 230 -42.44 -2.67 3.55
N CYS C 231 -41.93 -3.32 4.58
CA CYS C 231 -41.00 -4.43 4.42
C CYS C 231 -41.79 -5.73 4.26
N VAL C 232 -41.64 -6.37 3.11
CA VAL C 232 -42.12 -7.73 2.88
C VAL C 232 -40.90 -8.63 2.79
N THR C 233 -41.00 -9.81 3.41
CA THR C 233 -39.89 -10.76 3.31
C THR C 233 -39.66 -11.13 1.85
N GLU C 234 -38.41 -11.08 1.44
CA GLU C 234 -37.95 -11.29 0.08
C GLU C 234 -36.89 -12.38 0.10
N PRO C 235 -36.91 -13.30 -0.86
CA PRO C 235 -36.09 -14.52 -0.74
C PRO C 235 -34.63 -14.24 -0.44
N ALA C 236 -34.11 -14.94 0.58
CA ALA C 236 -32.71 -14.88 1.01
C ALA C 236 -32.31 -13.52 1.57
N ARG C 237 -33.02 -13.03 2.59
CA ARG C 237 -32.69 -11.76 3.23
C ARG C 237 -33.15 -11.76 4.69
N GLU C 238 -32.29 -11.25 5.58
CA GLU C 238 -32.65 -11.04 6.97
C GLU C 238 -33.64 -9.88 7.09
N ASP C 239 -34.21 -9.73 8.28
CA ASP C 239 -35.08 -8.58 8.55
C ASP C 239 -34.29 -7.29 8.39
N ARG C 240 -34.94 -6.28 7.82
CA ARG C 240 -34.28 -4.98 7.65
C ARG C 240 -34.08 -4.31 9.00
N PHE C 241 -32.92 -3.69 9.17
CA PHE C 241 -32.62 -2.92 10.36
C PHE C 241 -31.92 -1.63 9.93
N SER C 242 -31.73 -0.74 10.89
CA SER C 242 -30.89 0.43 10.66
C SER C 242 -30.50 0.93 12.05
N PHE C 243 -29.41 1.67 12.12
CA PHE C 243 -29.09 2.37 13.36
C PHE C 243 -28.49 3.73 13.01
N ALA C 244 -28.71 4.70 13.89
CA ALA C 244 -28.28 6.07 13.58
C ALA C 244 -28.01 6.81 14.89
N VAL C 245 -27.22 7.88 14.78
CA VAL C 245 -27.09 8.85 15.86
C VAL C 245 -27.59 10.19 15.34
N PHE C 246 -27.98 11.06 16.27
CA PHE C 246 -28.59 12.35 15.95
C PHE C 246 -28.08 13.36 16.97
N ALA C 247 -27.65 14.52 16.48
CA ALA C 247 -27.26 15.64 17.34
C ALA C 247 -28.46 16.59 17.41
N ASN C 248 -29.06 16.69 18.59
CA ASN C 248 -30.31 17.36 18.81
C ASN C 248 -30.16 18.45 19.86
N PRO C 249 -30.92 19.54 19.73
CA PRO C 249 -31.03 20.47 20.85
C PRO C 249 -31.81 19.83 21.98
N PRO C 250 -31.53 20.20 23.23
CA PRO C 250 -32.24 19.57 24.35
C PRO C 250 -33.70 20.02 24.41
N ALA C 251 -34.57 19.07 24.76
CA ALA C 251 -36.00 19.35 24.86
C ALA C 251 -36.29 20.51 25.80
N THR C 252 -35.44 20.75 26.80
CA THR C 252 -35.63 21.86 27.72
C THR C 252 -35.30 23.22 27.11
N GLY C 253 -34.68 23.24 25.93
CA GLY C 253 -34.17 24.46 25.35
C GLY C 253 -35.16 25.15 24.42
N ASP C 254 -34.62 26.08 23.62
CA ASP C 254 -35.36 26.83 22.62
C ASP C 254 -34.74 26.61 21.24
N LEU C 255 -35.58 26.70 20.21
CA LEU C 255 -35.10 26.65 18.83
C LEU C 255 -34.82 28.06 18.33
N TYR C 256 -33.68 28.23 17.67
CA TYR C 256 -33.25 29.53 17.16
C TYR C 256 -33.34 29.59 15.64
N GLN C 257 -33.40 30.81 15.14
CA GLN C 257 -33.43 31.08 13.71
C GLN C 257 -32.59 32.31 13.41
N MET C 258 -31.77 32.25 12.35
CA MET C 258 -30.94 33.37 11.98
C MET C 258 -31.78 34.42 11.25
N SER C 259 -31.59 35.69 11.63
CA SER C 259 -32.49 36.76 11.21
C SER C 259 -32.39 37.04 9.71
N GLU C 260 -31.22 36.79 9.10
CA GLU C 260 -30.77 37.15 7.75
C GLU C 260 -29.83 38.34 7.85
N SER C 261 -30.04 39.18 8.87
CA SER C 261 -29.06 40.18 9.28
C SER C 261 -28.10 39.64 10.35
N GLY C 262 -27.92 38.31 10.40
CA GLY C 262 -26.96 37.69 11.29
C GLY C 262 -27.37 37.63 12.74
N GLU C 263 -28.66 37.76 13.04
CA GLU C 263 -29.13 37.84 14.41
C GLU C 263 -29.83 36.55 14.80
N PRO C 264 -29.35 35.82 15.81
CA PRO C 264 -30.08 34.64 16.29
C PRO C 264 -31.24 35.07 17.18
N VAL C 265 -32.44 34.59 16.86
CA VAL C 265 -33.63 34.87 17.65
C VAL C 265 -34.24 33.54 18.07
N ALA C 266 -34.43 33.38 19.38
CA ALA C 266 -35.19 32.25 19.90
C ALA C 266 -36.60 32.34 19.36
N VAL C 267 -37.00 31.34 18.58
CA VAL C 267 -38.28 31.37 17.89
C VAL C 267 -39.31 30.47 18.55
N ARG C 268 -38.89 29.42 19.26
CA ARG C 268 -39.81 28.35 19.60
C ARG C 268 -39.19 27.48 20.69
N GLY C 269 -40.05 26.92 21.55
CA GLY C 269 -39.58 25.96 22.53
C GLY C 269 -39.35 24.60 21.87
N VAL C 270 -38.29 23.91 22.29
CA VAL C 270 -37.97 22.61 21.70
C VAL C 270 -39.07 21.60 22.04
N GLU C 271 -39.49 21.56 23.29
CA GLU C 271 -40.42 20.52 23.72
C GLU C 271 -41.74 20.58 22.95
N GLU C 272 -42.31 21.77 22.76
CA GLU C 272 -43.58 21.85 22.04
C GLU C 272 -43.41 21.47 20.57
N PHE C 273 -42.27 21.84 19.99
CA PHE C 273 -41.93 21.35 18.65
C PHE C 273 -41.93 19.83 18.59
N LEU C 274 -41.28 19.17 19.55
CA LEU C 274 -41.19 17.71 19.55
C LEU C 274 -42.54 17.07 19.80
N ARG C 275 -43.36 17.66 20.68
CA ARG C 275 -44.69 17.10 20.91
C ARG C 275 -45.55 17.22 19.66
N ASP C 276 -45.48 18.35 18.94
CA ASP C 276 -46.20 18.46 17.68
C ASP C 276 -45.70 17.43 16.69
N PHE C 277 -44.38 17.21 16.65
CA PHE C 277 -43.81 16.21 15.78
C PHE C 277 -44.36 14.83 16.07
N ASN C 278 -44.31 14.41 17.35
CA ASN C 278 -44.80 13.08 17.70
C ASN C 278 -46.26 12.91 17.30
N ASN C 279 -47.08 13.93 17.52
CA ASN C 279 -48.50 13.84 17.23
C ASN C 279 -48.76 13.67 15.74
N GLU C 280 -48.05 14.39 14.89
CA GLU C 280 -48.32 14.25 13.48
C GLU C 280 -47.62 13.06 12.85
N THR C 281 -46.52 12.59 13.43
CA THR C 281 -45.68 11.57 12.81
C THR C 281 -46.04 10.16 13.25
N TRP C 282 -45.99 9.91 14.55
CA TRP C 282 -46.28 8.59 15.11
C TRP C 282 -47.72 8.47 15.60
N SER C 283 -48.23 9.49 16.28
CA SER C 283 -49.63 9.53 16.71
C SER C 283 -50.03 8.30 17.52
N ASP C 284 -49.11 7.73 18.29
CA ASP C 284 -49.43 6.57 19.12
C ASP C 284 -49.26 6.94 20.58
N ARG C 285 -49.24 5.91 21.43
CA ARG C 285 -49.23 6.12 22.87
C ARG C 285 -47.91 6.67 23.38
N HIS C 286 -46.83 6.59 22.60
CA HIS C 286 -45.50 6.98 23.08
C HIS C 286 -45.31 8.48 22.97
N THR C 287 -46.11 9.22 23.75
CA THR C 287 -46.14 10.68 23.57
C THR C 287 -44.90 11.38 24.11
N ASP C 288 -44.09 10.72 24.92
CA ASP C 288 -42.87 11.31 25.42
C ASP C 288 -41.64 10.85 24.65
N PHE C 289 -41.82 10.19 23.51
CA PHE C 289 -40.72 9.72 22.67
C PHE C 289 -39.79 10.88 22.28
N GLY C 290 -38.48 10.70 22.52
CA GLY C 290 -37.50 11.71 22.15
C GLY C 290 -37.57 12.98 22.95
N ILE C 291 -38.27 12.97 24.08
CA ILE C 291 -38.37 14.12 24.96
C ILE C 291 -37.79 13.81 26.33
N THR C 292 -38.28 12.75 26.97
CA THR C 292 -37.73 12.20 28.19
C THR C 292 -37.05 10.87 27.87
N THR C 293 -36.59 10.18 28.92
CA THR C 293 -35.99 8.85 28.77
C THR C 293 -36.80 7.80 29.52
N GLU D 6 14.91 -30.33 -16.13
CA GLU D 6 16.19 -29.64 -16.20
C GLU D 6 16.82 -29.68 -17.60
N MET D 7 17.62 -28.66 -17.90
CA MET D 7 18.34 -28.60 -19.18
C MET D 7 19.39 -29.70 -19.28
N THR D 8 19.68 -30.12 -20.51
CA THR D 8 20.76 -31.07 -20.80
C THR D 8 21.90 -30.28 -21.43
N LEU D 9 22.76 -29.73 -20.59
CA LEU D 9 23.78 -28.78 -21.01
C LEU D 9 25.08 -29.49 -21.33
N GLN D 10 25.92 -28.83 -22.11
CA GLN D 10 27.25 -29.36 -22.36
C GLN D 10 28.10 -29.28 -21.09
N ARG D 11 29.11 -30.14 -21.01
CA ARG D 11 30.08 -30.13 -19.91
C ARG D 11 31.48 -30.01 -20.48
N ALA D 12 32.28 -29.14 -19.87
CA ALA D 12 33.67 -28.92 -20.28
C ALA D 12 34.55 -29.00 -19.04
N ARG D 13 35.86 -29.20 -19.28
CA ARG D 13 36.82 -29.21 -18.18
C ARG D 13 38.10 -28.51 -18.63
N THR D 14 38.92 -28.12 -17.67
CA THR D 14 40.15 -27.40 -17.98
C THR D 14 41.26 -28.35 -18.39
N ALA D 15 42.14 -27.83 -19.26
CA ALA D 15 43.30 -28.61 -19.76
C ALA D 15 44.29 -27.60 -20.34
N SER D 16 45.25 -27.19 -19.52
CA SER D 16 46.39 -26.35 -19.94
C SER D 16 45.95 -25.03 -20.59
N GLY D 17 44.99 -24.36 -19.99
CA GLY D 17 44.54 -23.11 -20.55
C GLY D 17 43.76 -23.27 -21.84
N GLU D 18 43.26 -24.46 -22.10
CA GLU D 18 42.32 -24.72 -23.18
C GLU D 18 41.01 -25.22 -22.60
N LEU D 19 39.92 -24.83 -23.25
CA LEU D 19 38.61 -25.37 -22.93
C LEU D 19 38.40 -26.68 -23.69
N VAL D 20 38.29 -27.78 -22.97
CA VAL D 20 38.04 -29.10 -23.55
C VAL D 20 36.64 -29.57 -23.17
N PHE D 21 35.82 -29.93 -24.16
CA PHE D 21 34.46 -30.36 -23.91
C PHE D 21 34.36 -31.89 -23.76
N GLU D 22 33.68 -32.33 -22.70
CA GLU D 22 33.46 -33.74 -22.44
C GLU D 22 32.32 -34.31 -23.28
N THR D 23 31.36 -33.47 -23.65
CA THR D 23 30.14 -33.85 -24.32
C THR D 23 30.24 -33.52 -25.81
N GLY D 24 29.41 -34.19 -26.61
CA GLY D 24 29.59 -34.16 -28.06
C GLY D 24 29.25 -32.86 -28.76
N GLY D 25 28.30 -32.09 -28.23
CA GLY D 25 27.93 -30.84 -28.89
C GLY D 25 29.06 -29.82 -28.90
N GLY D 26 29.97 -29.91 -27.92
CA GLY D 26 31.12 -29.04 -27.88
C GLY D 26 30.74 -27.58 -27.72
N LEU D 27 31.72 -26.72 -28.03
CA LEU D 27 31.56 -25.28 -27.85
C LEU D 27 30.43 -24.75 -28.71
N SER D 28 30.29 -25.30 -29.93
CA SER D 28 29.21 -24.85 -30.81
C SER D 28 27.87 -24.98 -30.12
N GLN D 29 27.59 -26.14 -29.54
CA GLN D 29 26.29 -26.34 -28.89
C GLN D 29 26.16 -25.47 -27.65
N ALA D 30 27.23 -25.36 -26.86
CA ALA D 30 27.17 -24.51 -25.66
C ALA D 30 26.88 -23.07 -26.04
N LEU D 31 27.48 -22.57 -27.12
CA LEU D 31 27.19 -21.21 -27.55
C LEU D 31 25.74 -21.08 -28.01
N GLN D 32 25.19 -22.14 -28.60
CA GLN D 32 23.77 -22.14 -28.97
C GLN D 32 22.88 -22.13 -27.74
N ASP D 33 23.21 -22.94 -26.73
CA ASP D 33 22.41 -22.97 -25.50
C ASP D 33 22.60 -21.70 -24.68
N GLY D 34 23.72 -21.03 -24.83
CA GLY D 34 24.04 -19.90 -24.01
C GLY D 34 24.54 -20.25 -22.62
N CYS D 35 24.71 -21.53 -22.31
CA CYS D 35 25.22 -21.93 -21.01
C CYS D 35 25.77 -23.34 -21.09
N PHE D 36 26.64 -23.66 -20.13
CA PHE D 36 27.20 -25.00 -20.02
C PHE D 36 27.85 -25.14 -18.66
N TYR D 37 28.18 -26.38 -18.31
CA TYR D 37 28.87 -26.67 -17.06
C TYR D 37 30.37 -26.75 -17.31
N LEU D 38 31.14 -26.17 -16.37
CA LEU D 38 32.60 -26.17 -16.45
C LEU D 38 33.14 -26.80 -15.17
N ALA D 39 33.93 -27.86 -15.33
CA ALA D 39 34.48 -28.55 -14.17
C ALA D 39 35.31 -27.59 -13.34
N ILE D 40 35.15 -27.66 -12.03
CA ILE D 40 35.89 -26.82 -11.11
C ILE D 40 37.27 -27.45 -10.94
N PRO D 41 38.35 -26.73 -11.25
CA PRO D 41 39.69 -27.28 -11.04
C PRO D 41 39.85 -27.88 -9.65
N GLU D 42 40.43 -29.08 -9.58
CA GLU D 42 40.39 -29.89 -8.38
C GLU D 42 41.09 -29.23 -7.20
N ASP D 43 42.05 -28.36 -7.44
CA ASP D 43 42.79 -27.77 -6.33
C ASP D 43 42.08 -26.58 -5.70
N ILE D 44 41.06 -26.03 -6.37
CA ILE D 44 40.40 -24.83 -5.86
C ILE D 44 39.69 -25.17 -4.55
N ASP D 45 39.85 -24.31 -3.56
CA ASP D 45 39.09 -24.41 -2.32
C ASP D 45 37.88 -23.49 -2.44
N LEU D 46 36.67 -24.06 -2.43
CA LEU D 46 35.43 -23.29 -2.53
C LEU D 46 34.96 -22.77 -1.18
N GLU D 47 35.52 -23.28 -0.08
CA GLU D 47 35.01 -22.94 1.25
C GLU D 47 35.05 -21.45 1.59
N PRO D 48 36.08 -20.68 1.24
CA PRO D 48 36.00 -19.22 1.51
C PRO D 48 34.77 -18.56 0.89
N GLY D 49 34.36 -19.00 -0.30
CA GLY D 49 33.17 -18.42 -0.91
C GLY D 49 31.90 -18.86 -0.23
N LYS D 50 31.81 -20.16 0.09
CA LYS D 50 30.65 -20.66 0.80
C LYS D 50 30.55 -20.04 2.19
N LEU D 51 31.71 -19.80 2.83
CA LEU D 51 31.74 -19.15 4.14
C LEU D 51 31.23 -17.72 4.05
N LEU D 52 31.73 -16.95 3.07
CA LEU D 52 31.25 -15.59 2.92
C LEU D 52 29.74 -15.57 2.67
N CYS D 53 29.26 -16.54 1.89
CA CYS D 53 27.83 -16.58 1.56
C CYS D 53 26.97 -16.95 2.74
N ARG D 54 27.55 -17.57 3.77
CA ARG D 54 26.84 -17.93 4.99
C ARG D 54 27.01 -16.91 6.10
N GLN D 55 27.90 -15.92 5.92
CA GLN D 55 28.26 -15.00 7.00
C GLN D 55 28.11 -13.53 6.68
N PHE D 56 28.09 -13.11 5.40
CA PHE D 56 28.27 -11.69 5.11
C PHE D 56 27.10 -10.86 5.66
N TYR D 57 25.92 -11.43 5.71
CA TYR D 57 24.71 -10.73 6.14
C TYR D 57 24.50 -10.82 7.65
N ARG D 58 25.39 -11.37 8.33
CA ARG D 58 25.28 -11.45 9.77
C ARG D 58 25.95 -10.25 10.43
N PRO D 59 25.47 -9.85 11.61
CA PRO D 59 26.12 -8.75 12.33
C PRO D 59 27.55 -9.12 12.69
N ALA D 60 28.37 -8.08 12.88
CA ALA D 60 29.76 -8.31 13.27
C ALA D 60 29.85 -9.20 14.50
N HIS D 61 28.90 -9.08 15.41
CA HIS D 61 28.89 -9.80 16.67
C HIS D 61 27.47 -10.30 16.95
N PRO D 62 27.34 -11.45 17.63
CA PRO D 62 28.38 -12.25 18.29
C PRO D 62 29.05 -13.25 17.36
N GLY D 63 30.25 -13.69 17.70
CA GLY D 63 30.88 -14.76 16.94
C GLY D 63 32.39 -14.70 17.02
N SER D 64 33.00 -15.76 16.47
CA SER D 64 34.42 -15.98 16.62
C SER D 64 35.22 -14.87 15.94
N PRO D 65 36.42 -14.58 16.44
CA PRO D 65 37.28 -13.60 15.76
C PRO D 65 37.75 -14.08 14.39
N GLU D 66 37.73 -15.40 14.13
CA GLU D 66 38.13 -15.90 12.83
C GLU D 66 37.10 -15.57 11.76
N LEU D 67 35.81 -15.60 12.12
CA LEU D 67 34.74 -15.33 11.17
C LEU D 67 34.44 -13.84 11.02
N ARG D 68 34.95 -12.99 11.90
CA ARG D 68 34.64 -11.56 11.84
C ARG D 68 34.85 -10.93 10.45
N PRO D 69 35.98 -11.16 9.75
CA PRO D 69 36.11 -10.55 8.42
C PRO D 69 35.14 -11.09 7.38
N TYR D 70 34.40 -12.16 7.68
CA TYR D 70 33.37 -12.69 6.80
C TYR D 70 32.00 -12.13 7.13
N ARG D 71 31.90 -11.23 8.12
CA ARG D 71 30.62 -10.74 8.63
C ARG D 71 30.53 -9.22 8.54
N GLY D 72 29.32 -8.73 8.81
CA GLY D 72 29.08 -7.31 8.99
C GLY D 72 29.00 -6.49 7.74
N PHE D 73 28.73 -7.12 6.59
CA PHE D 73 28.73 -6.38 5.33
C PHE D 73 27.46 -5.59 5.08
N ARG D 74 26.40 -5.78 5.87
CA ARG D 74 25.20 -4.98 5.69
C ARG D 74 25.44 -3.50 5.95
N ARG D 75 26.58 -3.14 6.55
CA ARG D 75 26.88 -1.75 6.80
C ARG D 75 27.77 -1.13 5.73
N ASN D 76 28.22 -1.90 4.76
CA ASN D 76 29.09 -1.37 3.70
C ASN D 76 28.19 -0.89 2.57
N ASP D 77 28.00 0.43 2.49
CA ASP D 77 27.10 0.98 1.48
C ASP D 77 27.64 0.82 0.07
N GLY D 78 28.94 0.59 -0.08
CA GLY D 78 29.52 0.51 -1.41
C GLY D 78 29.31 -0.80 -2.12
N ILE D 79 29.19 -1.92 -1.39
CA ILE D 79 29.16 -3.23 -2.03
C ILE D 79 28.00 -4.10 -1.57
N TYR D 80 27.19 -3.64 -0.61
CA TYR D 80 26.10 -4.46 -0.11
C TYR D 80 24.77 -3.88 -0.60
N PHE D 81 23.88 -4.75 -1.07
CA PHE D 81 22.63 -4.31 -1.69
C PHE D 81 21.48 -5.15 -1.16
N ASP D 82 20.67 -4.54 -0.30
CA ASP D 82 19.47 -5.15 0.25
C ASP D 82 18.33 -4.86 -0.72
N ARG D 83 17.79 -5.90 -1.33
CA ARG D 83 16.78 -5.72 -2.37
C ARG D 83 15.41 -5.60 -1.76
N GLU D 84 14.66 -4.57 -2.17
N GLU D 84 14.77 -4.46 -2.04
CA GLU D 84 13.33 -4.33 -1.61
CA GLU D 84 13.33 -4.37 -1.90
C GLU D 84 12.33 -5.42 -2.03
C GLU D 84 12.69 -5.18 -3.03
N TYR D 85 12.33 -5.79 -3.31
N TYR D 85 11.79 -6.07 -2.64
CA TYR D 85 11.25 -6.59 -3.89
CA TYR D 85 10.93 -6.85 -3.54
C TYR D 85 11.58 -8.08 -4.02
C TYR D 85 11.56 -8.14 -4.03
N TYR D 86 12.71 -8.54 -3.47
CA TYR D 86 13.24 -9.88 -3.74
C TYR D 86 13.94 -10.46 -2.52
N GLN D 87 13.89 -11.79 -2.41
CA GLN D 87 14.58 -12.47 -1.31
C GLN D 87 16.07 -12.19 -1.31
N THR D 88 16.68 -11.98 -2.48
CA THR D 88 18.13 -11.88 -2.54
C THR D 88 18.63 -10.61 -1.83
N GLU D 89 19.67 -10.77 -1.03
CA GLU D 89 20.55 -9.66 -0.64
C GLU D 89 21.94 -10.06 -1.10
N HIS D 90 22.72 -9.12 -1.60
CA HIS D 90 23.97 -9.57 -2.18
C HIS D 90 25.07 -8.55 -2.03
N ILE D 91 26.29 -9.06 -1.98
CA ILE D 91 27.49 -8.29 -2.21
C ILE D 91 27.72 -8.21 -3.71
N LEU D 92 28.08 -7.02 -4.20
CA LEU D 92 28.60 -6.85 -5.55
C LEU D 92 29.83 -5.96 -5.44
N ALA D 93 30.98 -6.50 -5.80
CA ALA D 93 32.25 -5.81 -5.61
C ALA D 93 33.11 -6.01 -6.83
N ASP D 94 33.72 -4.94 -7.30
CA ASP D 94 34.68 -5.05 -8.39
C ASP D 94 36.04 -5.45 -7.83
N GLY D 95 37.07 -5.43 -8.67
CA GLY D 95 38.41 -5.83 -8.27
C GLY D 95 38.93 -5.07 -7.07
N PRO D 96 39.00 -3.74 -7.18
CA PRO D 96 39.52 -2.96 -6.04
C PRO D 96 38.73 -3.16 -4.77
N ALA D 97 37.40 -3.21 -4.87
CA ALA D 97 36.59 -3.37 -3.66
C ALA D 97 36.84 -4.71 -2.98
N ARG D 98 37.01 -5.77 -3.78
CA ARG D 98 37.35 -7.08 -3.21
C ARG D 98 38.65 -7.00 -2.44
N GLU D 99 39.68 -6.42 -3.07
CA GLU D 99 40.96 -6.17 -2.42
C GLU D 99 40.76 -5.49 -1.08
N LYS D 100 39.93 -4.45 -1.07
CA LYS D 100 39.80 -3.54 0.05
C LYS D 100 38.90 -4.10 1.16
N TYR D 101 37.87 -4.89 0.81
CA TYR D 101 36.85 -5.26 1.81
C TYR D 101 36.71 -6.74 2.08
N LEU D 102 37.25 -7.63 1.25
CA LEU D 102 36.98 -9.05 1.42
C LEU D 102 38.22 -9.80 1.93
N PRO D 103 38.04 -10.93 2.60
CA PRO D 103 39.19 -11.67 3.10
C PRO D 103 40.05 -12.18 1.96
N PRO D 104 41.37 -12.25 2.15
CA PRO D 104 42.26 -12.70 1.06
C PRO D 104 41.91 -14.08 0.51
N ASP D 105 41.47 -15.01 1.36
CA ASP D 105 41.05 -16.32 0.87
C ASP D 105 39.92 -16.22 -0.15
N VAL D 106 39.03 -15.24 0.03
CA VAL D 106 37.94 -15.05 -0.94
C VAL D 106 38.46 -14.40 -2.21
N VAL D 107 39.30 -13.37 -2.07
CA VAL D 107 39.94 -12.71 -3.22
C VAL D 107 40.71 -13.72 -4.07
N ALA D 108 41.32 -14.71 -3.42
CA ALA D 108 42.10 -15.69 -4.16
C ALA D 108 41.20 -16.62 -4.94
N LEU D 109 40.06 -16.98 -4.35
CA LEU D 109 39.10 -17.82 -5.05
C LEU D 109 38.47 -17.07 -6.21
N CYS D 110 38.21 -15.76 -6.03
CA CYS D 110 37.65 -14.95 -7.10
C CYS D 110 38.62 -14.85 -8.27
N GLU D 111 39.91 -14.68 -7.98
CA GLU D 111 40.91 -14.63 -9.05
C GLU D 111 40.93 -15.92 -9.86
N ARG D 112 40.77 -17.07 -9.20
CA ARG D 112 40.75 -18.36 -9.93
C ARG D 112 39.49 -18.49 -10.80
N MET D 113 38.35 -18.03 -10.29
CA MET D 113 37.14 -18.04 -11.09
C MET D 113 37.22 -17.05 -12.24
N THR D 114 37.75 -15.86 -11.99
CA THR D 114 37.88 -14.89 -13.07
C THR D 114 38.74 -15.43 -14.21
N SER D 115 39.82 -16.16 -13.87
CA SER D 115 40.65 -16.73 -14.92
C SER D 115 39.86 -17.69 -15.81
N LEU D 116 38.95 -18.45 -15.21
CA LEU D 116 38.12 -19.35 -15.99
C LEU D 116 37.18 -18.57 -16.91
N ALA D 117 36.58 -17.49 -16.39
CA ALA D 117 35.73 -16.62 -17.20
C ALA D 117 36.47 -16.08 -18.42
N LEU D 118 37.74 -15.68 -18.25
CA LEU D 118 38.52 -15.19 -19.38
C LEU D 118 38.89 -16.32 -20.33
N LEU D 119 39.18 -17.51 -19.81
CA LEU D 119 39.38 -18.65 -20.70
C LEU D 119 38.15 -18.88 -21.56
N VAL D 120 36.96 -18.84 -20.95
CA VAL D 120 35.74 -19.02 -21.72
C VAL D 120 35.60 -17.91 -22.77
N LEU D 121 35.87 -16.66 -22.37
CA LEU D 121 35.67 -15.54 -23.28
C LEU D 121 36.56 -15.62 -24.51
N THR D 122 37.84 -15.97 -24.31
CA THR D 122 38.76 -16.08 -25.45
C THR D 122 38.42 -17.27 -26.32
N SER D 123 37.98 -18.37 -25.71
CA SER D 123 37.55 -19.53 -26.50
C SER D 123 36.34 -19.19 -27.35
N THR D 124 35.46 -18.34 -26.81
CA THR D 124 34.25 -17.95 -27.52
C THR D 124 34.55 -16.96 -28.64
N LEU D 125 35.42 -15.99 -28.36
CA LEU D 125 35.79 -15.05 -29.43
C LEU D 125 36.54 -15.77 -30.54
N THR D 126 37.40 -16.74 -30.19
CA THR D 126 38.09 -17.52 -31.21
C THR D 126 37.10 -18.35 -32.01
N GLY D 127 36.20 -19.05 -31.33
CA GLY D 127 35.24 -19.91 -31.99
C GLY D 127 34.29 -19.16 -32.91
N LEU D 128 34.04 -17.88 -32.64
CA LEU D 128 33.19 -17.09 -33.51
C LEU D 128 33.96 -16.45 -34.67
N GLY D 129 35.26 -16.72 -34.79
CA GLY D 129 36.05 -16.13 -35.85
C GLY D 129 36.25 -14.64 -35.73
N ILE D 130 36.11 -14.08 -34.53
CA ILE D 130 36.37 -12.66 -34.34
C ILE D 130 37.87 -12.44 -34.26
N ASP D 131 38.36 -11.46 -35.05
CA ASP D 131 39.79 -11.20 -35.12
C ASP D 131 40.36 -10.82 -33.76
N GLU D 132 41.44 -11.50 -33.36
CA GLU D 132 42.07 -11.26 -32.07
C GLU D 132 42.53 -9.81 -31.93
N ALA D 133 42.80 -9.14 -33.05
CA ALA D 133 43.26 -7.75 -32.99
C ALA D 133 42.20 -6.81 -32.45
N VAL D 134 40.93 -7.22 -32.42
CA VAL D 134 39.86 -6.35 -31.98
C VAL D 134 39.31 -6.74 -30.61
N TRP D 135 39.88 -7.77 -29.98
CA TRP D 135 39.36 -8.27 -28.71
C TRP D 135 39.34 -7.19 -27.65
N GLU D 136 40.46 -6.47 -27.48
CA GLU D 136 40.51 -5.49 -26.41
C GLU D 136 39.54 -4.34 -26.65
N LYS D 137 39.24 -4.04 -27.91
CA LYS D 137 38.34 -2.92 -28.20
C LYS D 137 36.89 -3.28 -27.90
N VAL D 138 36.44 -4.44 -28.37
CA VAL D 138 35.02 -4.78 -28.25
C VAL D 138 34.66 -5.24 -26.84
N THR D 139 35.63 -5.67 -26.04
CA THR D 139 35.35 -6.07 -24.66
C THR D 139 35.69 -4.97 -23.65
N GLY D 140 36.08 -3.78 -24.12
CA GLY D 140 36.49 -2.73 -23.21
C GLY D 140 37.61 -3.12 -22.28
N GLY D 141 38.50 -4.02 -22.72
CA GLY D 141 39.61 -4.47 -21.93
C GLY D 141 39.34 -5.69 -21.06
N ALA D 142 38.09 -6.16 -21.02
CA ALA D 142 37.75 -7.27 -20.15
C ALA D 142 38.43 -8.56 -20.57
N VAL D 143 38.67 -8.75 -21.87
CA VAL D 143 39.23 -10.02 -22.32
C VAL D 143 40.58 -10.30 -21.65
N GLY D 144 41.36 -9.27 -21.38
CA GLY D 144 42.68 -9.48 -20.80
C GLY D 144 42.75 -9.22 -19.31
N GLY D 145 41.61 -9.15 -18.64
CA GLY D 145 41.57 -8.91 -17.22
C GLY D 145 41.30 -7.47 -16.84
N GLY D 146 41.12 -6.59 -17.82
CA GLY D 146 40.71 -5.23 -17.54
C GLY D 146 39.22 -5.09 -17.51
N GLY D 147 38.69 -3.97 -17.98
CA GLY D 147 37.27 -3.72 -17.87
C GLY D 147 36.83 -3.71 -16.42
N THR D 148 35.71 -4.38 -16.14
CA THR D 148 35.24 -4.52 -14.76
C THR D 148 35.02 -6.00 -14.49
N GLN D 149 35.72 -6.53 -13.49
CA GLN D 149 35.59 -7.94 -13.14
C GLN D 149 34.81 -8.00 -11.84
N TRP D 150 33.52 -8.34 -11.95
CA TRP D 150 32.60 -8.29 -10.82
C TRP D 150 32.59 -9.61 -10.07
N PHE D 151 32.26 -9.51 -8.78
CA PHE D 151 32.00 -10.65 -7.93
C PHE D 151 30.67 -10.42 -7.23
N ALA D 152 29.83 -11.44 -7.17
CA ALA D 152 28.58 -11.36 -6.41
C ALA D 152 28.52 -12.49 -5.41
N ALA D 153 28.07 -12.17 -4.18
CA ALA D 153 27.73 -13.16 -3.17
C ALA D 153 26.29 -12.92 -2.79
N SER D 154 25.44 -13.91 -3.02
CA SER D 154 24.00 -13.77 -2.88
C SER D 154 23.50 -14.65 -1.75
N HIS D 155 22.61 -14.09 -0.93
CA HIS D 155 21.89 -14.84 0.09
C HIS D 155 20.40 -14.62 -0.10
N TYR D 156 19.66 -15.71 -0.18
CA TYR D 156 18.22 -15.69 -0.40
C TYR D 156 17.52 -15.79 0.96
N ARG D 157 16.97 -14.67 1.42
CA ARG D 157 16.29 -14.58 2.71
C ARG D 157 14.92 -15.25 2.64
N PRO D 158 14.73 -16.37 3.34
CA PRO D 158 13.48 -17.11 3.19
C PRO D 158 12.31 -16.48 3.93
N GLU D 159 12.58 -15.61 4.93
CA GLU D 159 11.51 -14.89 5.62
C GLU D 159 10.80 -13.89 4.72
N ARG D 160 11.41 -13.54 3.58
CA ARG D 160 10.78 -12.68 2.59
C ARG D 160 9.91 -13.54 1.67
N HIS D 161 8.62 -13.21 1.58
CA HIS D 161 7.70 -13.95 0.72
C HIS D 161 7.64 -13.27 -0.65
N GLN D 162 8.72 -13.47 -1.41
CA GLN D 162 8.91 -12.84 -2.71
C GLN D 162 9.65 -13.81 -3.64
N LEU D 163 9.81 -13.42 -4.90
CA LEU D 163 10.72 -14.14 -5.77
C LEU D 163 12.12 -14.14 -5.17
N GLY D 164 12.89 -15.17 -5.53
CA GLY D 164 14.25 -15.25 -5.01
C GLY D 164 15.13 -14.19 -5.63
N CYS D 165 15.21 -14.22 -6.96
CA CYS D 165 16.02 -13.29 -7.73
C CYS D 165 15.17 -12.74 -8.88
N ALA D 166 15.30 -11.45 -9.15
CA ALA D 166 14.61 -10.87 -10.30
C ALA D 166 15.02 -11.61 -11.57
N PRO D 167 14.08 -11.86 -12.49
CA PRO D 167 14.47 -12.38 -13.79
C PRO D 167 15.35 -11.37 -14.52
N HIS D 168 16.46 -11.86 -15.08
CA HIS D 168 17.38 -10.95 -15.75
C HIS D 168 18.28 -11.74 -16.69
N LYS D 169 18.91 -11.00 -17.59
CA LYS D 169 20.06 -11.47 -18.33
C LYS D 169 21.28 -10.81 -17.71
N ASP D 170 22.34 -11.60 -17.48
CA ASP D 170 23.55 -10.97 -16.98
C ASP D 170 23.97 -9.87 -17.95
N THR D 171 24.75 -8.89 -17.46
CA THR D 171 24.98 -7.70 -18.28
C THR D 171 26.28 -7.73 -19.05
N GLY D 172 27.20 -8.62 -18.71
CA GLY D 172 28.55 -8.58 -19.22
C GLY D 172 28.78 -9.56 -20.36
N PHE D 173 30.01 -10.09 -20.42
CA PHE D 173 30.37 -11.05 -21.45
C PHE D 173 30.20 -12.49 -21.01
N VAL D 174 30.81 -12.86 -19.88
CA VAL D 174 30.83 -14.25 -19.42
C VAL D 174 30.60 -14.28 -17.91
N THR D 175 29.79 -15.23 -17.45
CA THR D 175 29.54 -15.45 -16.03
C THR D 175 30.00 -16.84 -15.61
N VAL D 176 30.65 -16.93 -14.46
CA VAL D 176 31.00 -18.20 -13.87
C VAL D 176 30.34 -18.25 -12.50
N LEU D 177 29.39 -19.18 -12.32
CA LEU D 177 28.48 -19.19 -11.17
C LEU D 177 28.62 -20.47 -10.38
N TYR D 178 28.70 -20.35 -9.05
CA TYR D 178 28.66 -21.52 -8.18
C TYR D 178 27.27 -21.62 -7.54
N ILE D 179 26.65 -22.78 -7.70
CA ILE D 179 25.40 -23.11 -7.02
C ILE D 179 25.46 -24.52 -6.46
N GLU D 180 24.78 -24.73 -5.33
CA GLU D 180 24.63 -26.03 -4.71
C GLU D 180 23.19 -26.48 -4.53
N GLN D 181 22.22 -25.58 -4.69
CA GLN D 181 20.84 -25.89 -4.39
C GLN D 181 19.98 -25.58 -5.62
N ASP D 182 18.85 -26.27 -5.70
CA ASP D 182 17.84 -25.97 -6.72
C ASP D 182 17.35 -24.53 -6.55
N GLY D 183 16.61 -24.07 -7.55
CA GLY D 183 16.03 -22.73 -7.50
C GLY D 183 16.27 -21.94 -8.76
N LEU D 184 17.45 -22.10 -9.37
CA LEU D 184 17.79 -21.38 -10.59
C LEU D 184 17.00 -21.92 -11.77
N GLU D 185 16.45 -21.02 -12.58
CA GLU D 185 15.67 -21.41 -13.75
C GLU D 185 16.06 -20.55 -14.93
N SER D 186 15.89 -21.11 -16.13
CA SER D 186 16.21 -20.43 -17.38
C SER D 186 14.98 -20.45 -18.28
N SER D 187 14.86 -19.40 -19.11
CA SER D 187 13.73 -19.30 -20.03
C SER D 187 14.13 -19.91 -21.37
N VAL D 188 13.67 -21.14 -21.64
CA VAL D 188 14.05 -21.87 -22.84
C VAL D 188 12.81 -22.10 -23.69
N GLY D 189 12.83 -21.60 -24.93
CA GLY D 189 11.67 -21.67 -25.78
C GLY D 189 10.44 -21.02 -25.19
N GLY D 190 10.61 -20.07 -24.26
CA GLY D 190 9.49 -19.42 -23.61
C GLY D 190 9.06 -20.04 -22.30
N GLU D 191 9.67 -21.16 -21.89
CA GLU D 191 9.29 -21.87 -20.67
C GLU D 191 10.41 -21.78 -19.65
N TRP D 192 10.06 -21.62 -18.38
CA TRP D 192 11.03 -21.67 -17.30
C TRP D 192 11.50 -23.10 -17.07
N ILE D 193 12.78 -23.37 -17.30
CA ILE D 193 13.35 -24.71 -17.16
C ILE D 193 14.37 -24.66 -16.03
N PRO D 194 14.33 -25.56 -15.06
CA PRO D 194 15.31 -25.50 -13.98
C PRO D 194 16.70 -25.82 -14.50
N ILE D 195 17.68 -25.13 -13.93
CA ILE D 195 19.10 -25.46 -14.11
C ILE D 195 19.55 -26.10 -12.80
N ALA D 196 19.88 -27.38 -12.84
CA ALA D 196 20.21 -28.06 -11.60
C ALA D 196 21.67 -27.83 -11.21
N PRO D 197 21.95 -27.83 -9.90
CA PRO D 197 23.36 -27.79 -9.46
C PRO D 197 24.03 -29.11 -9.81
N LEU D 198 25.21 -29.02 -10.41
CA LEU D 198 26.00 -30.21 -10.74
C LEU D 198 27.25 -30.24 -9.88
N PRO D 199 27.37 -31.16 -8.93
CA PRO D 199 28.53 -31.17 -8.02
C PRO D 199 29.85 -31.22 -8.80
N GLY D 200 30.80 -30.38 -8.39
CA GLY D 200 32.10 -30.25 -9.04
C GLY D 200 32.14 -29.41 -10.29
N TYR D 201 31.06 -28.69 -10.63
CA TYR D 201 31.05 -27.88 -11.84
C TYR D 201 30.54 -26.49 -11.53
N PHE D 202 31.14 -25.48 -12.16
CA PHE D 202 30.51 -24.18 -12.23
C PHE D 202 29.48 -24.18 -13.36
N LEU D 203 28.50 -23.26 -13.26
CA LEU D 203 27.63 -22.90 -14.38
C LEU D 203 28.24 -21.72 -15.10
N VAL D 204 28.35 -21.79 -16.42
CA VAL D 204 28.84 -20.67 -17.22
C VAL D 204 27.73 -20.22 -18.13
N ASN D 205 27.52 -18.90 -18.23
CA ASN D 205 26.62 -18.37 -19.25
C ASN D 205 27.17 -17.04 -19.74
N PHE D 206 26.47 -16.43 -20.69
CA PHE D 206 26.88 -15.18 -21.30
C PHE D 206 25.91 -14.07 -20.93
N GLY D 207 26.35 -12.83 -21.12
CA GLY D 207 25.57 -11.68 -20.71
C GLY D 207 25.15 -10.82 -21.89
N GLY D 208 24.42 -9.75 -21.56
CA GLY D 208 23.92 -8.84 -22.58
C GLY D 208 25.00 -8.36 -23.55
N ALA D 209 26.22 -8.19 -23.06
CA ALA D 209 27.28 -7.64 -23.91
C ALA D 209 27.72 -8.64 -24.96
N THR D 210 27.74 -9.94 -24.62
CA THR D 210 28.03 -10.95 -25.62
C THR D 210 26.87 -11.08 -26.60
N GLU D 211 25.64 -10.96 -26.11
CA GLU D 211 24.48 -11.06 -27.00
C GLU D 211 24.50 -9.93 -28.03
N LEU D 212 24.67 -8.69 -27.55
CA LEU D 212 24.70 -7.54 -28.44
C LEU D 212 25.87 -7.63 -29.42
N LEU D 213 27.03 -8.08 -28.94
CA LEU D 213 28.21 -8.15 -29.82
C LEU D 213 27.99 -9.09 -31.00
N THR D 214 27.27 -10.20 -30.79
CA THR D 214 27.17 -11.25 -31.80
C THR D 214 25.80 -11.33 -32.45
N ALA D 215 24.94 -10.33 -32.24
CA ALA D 215 23.54 -10.49 -32.61
C ALA D 215 23.36 -10.62 -34.12
N ARG D 216 24.28 -10.08 -34.91
CA ARG D 216 24.11 -10.04 -36.36
C ARG D 216 25.13 -10.89 -37.09
N MET D 217 25.81 -11.78 -36.38
CA MET D 217 26.71 -12.76 -36.97
C MET D 217 25.93 -14.02 -37.36
N GLY D 218 26.62 -14.96 -37.99
CA GLY D 218 25.95 -16.16 -38.47
C GLY D 218 25.43 -17.04 -37.35
N ARG D 219 26.08 -17.03 -36.19
CA ARG D 219 25.71 -17.83 -35.04
C ARG D 219 25.68 -16.93 -33.81
N PRO D 220 24.60 -16.17 -33.62
CA PRO D 220 24.53 -15.27 -32.47
C PRO D 220 24.51 -16.05 -31.15
N VAL D 221 25.14 -15.47 -30.14
CA VAL D 221 25.15 -16.05 -28.81
C VAL D 221 24.16 -15.29 -27.95
N GLN D 222 23.22 -15.99 -27.34
CA GLN D 222 22.20 -15.34 -26.54
C GLN D 222 22.62 -15.28 -25.08
N ALA D 223 22.17 -14.23 -24.40
CA ALA D 223 22.29 -14.13 -22.95
C ALA D 223 21.03 -14.73 -22.34
N ILE D 224 21.18 -15.87 -21.64
CA ILE D 224 20.01 -16.57 -21.14
C ILE D 224 19.29 -15.73 -20.09
N LEU D 225 17.98 -15.66 -20.22
CA LEU D 225 17.12 -15.04 -19.21
C LEU D 225 16.95 -16.03 -18.06
N HIS D 226 17.26 -15.62 -16.83
CA HIS D 226 17.16 -16.54 -15.70
C HIS D 226 16.65 -15.85 -14.45
N ARG D 227 16.15 -16.65 -13.52
CA ARG D 227 15.64 -16.16 -12.25
C ARG D 227 15.88 -17.22 -11.19
N VAL D 228 15.66 -16.85 -9.93
CA VAL D 228 15.66 -17.81 -8.84
C VAL D 228 14.25 -17.80 -8.24
N ARG D 229 13.61 -18.95 -8.24
CA ARG D 229 12.28 -19.07 -7.65
C ARG D 229 12.30 -18.62 -6.20
N SER D 230 11.12 -18.34 -5.67
CA SER D 230 10.97 -18.12 -4.25
C SER D 230 11.45 -19.34 -3.48
N CYS D 231 12.39 -19.12 -2.56
CA CYS D 231 12.97 -20.20 -1.77
C CYS D 231 12.08 -20.51 -0.56
N VAL D 232 11.61 -21.76 -0.48
CA VAL D 232 10.77 -22.17 0.63
C VAL D 232 11.55 -22.06 1.93
N THR D 233 10.88 -21.64 2.99
CA THR D 233 11.55 -21.46 4.27
C THR D 233 11.98 -22.82 4.84
N GLU D 234 13.20 -22.85 5.41
CA GLU D 234 13.99 -23.75 6.27
C GLU D 234 13.85 -25.29 6.15
N PRO D 235 12.94 -25.95 6.92
CA PRO D 235 13.22 -27.31 7.40
C PRO D 235 14.67 -27.62 7.78
N ALA D 236 15.32 -28.60 7.16
CA ALA D 236 16.67 -28.95 7.57
C ALA D 236 17.72 -28.12 6.84
N ARG D 237 17.69 -28.14 5.50
CA ARG D 237 18.69 -27.48 4.66
C ARG D 237 18.85 -26.00 5.01
N GLU D 238 20.08 -25.51 4.83
CA GLU D 238 20.42 -24.10 5.03
C GLU D 238 19.76 -23.22 3.96
N ASP D 239 19.86 -21.90 4.17
CA ASP D 239 19.37 -20.96 3.17
C ASP D 239 20.12 -21.12 1.86
N ARG D 240 19.44 -20.83 0.75
CA ARG D 240 20.12 -20.83 -0.54
C ARG D 240 21.09 -19.66 -0.63
N PHE D 241 22.23 -19.91 -1.28
CA PHE D 241 23.22 -18.90 -1.60
C PHE D 241 23.82 -19.23 -2.97
N SER D 242 24.55 -18.27 -3.50
CA SER D 242 25.32 -18.50 -4.72
C SER D 242 26.41 -17.44 -4.76
N PHE D 243 27.49 -17.71 -5.51
CA PHE D 243 28.48 -16.67 -5.75
C PHE D 243 29.01 -16.84 -7.17
N ALA D 244 29.48 -15.74 -7.74
CA ALA D 244 29.81 -15.78 -9.16
C ALA D 244 30.74 -14.62 -9.49
N VAL D 245 31.46 -14.78 -10.60
CA VAL D 245 32.25 -13.69 -11.15
C VAL D 245 31.74 -13.41 -12.56
N PHE D 246 32.01 -12.18 -13.00
CA PHE D 246 31.51 -11.71 -14.29
C PHE D 246 32.61 -10.88 -14.91
N ALA D 247 32.86 -11.12 -16.19
CA ALA D 247 33.74 -10.27 -16.97
C ALA D 247 32.89 -9.28 -17.76
N ASN D 248 32.94 -8.00 -17.35
CA ASN D 248 32.08 -6.96 -17.88
C ASN D 248 32.89 -5.87 -18.59
N PRO D 249 32.27 -5.17 -19.55
CA PRO D 249 32.88 -3.94 -20.04
C PRO D 249 32.75 -2.86 -18.98
N PRO D 250 33.69 -1.93 -18.92
CA PRO D 250 33.59 -0.85 -17.93
C PRO D 250 32.43 0.08 -18.25
N ALA D 251 31.80 0.61 -17.20
CA ALA D 251 30.61 1.44 -17.36
C ALA D 251 30.88 2.70 -18.16
N THR D 252 32.12 3.16 -18.19
CA THR D 252 32.48 4.39 -18.90
C THR D 252 32.64 4.19 -20.40
N GLY D 253 32.65 2.95 -20.87
CA GLY D 253 32.92 2.65 -22.26
C GLY D 253 31.67 2.53 -23.10
N ASP D 254 31.84 1.92 -24.28
CA ASP D 254 30.74 1.69 -25.21
C ASP D 254 30.60 0.20 -25.47
N LEU D 255 29.37 -0.21 -25.77
CA LEU D 255 29.08 -1.56 -26.22
C LEU D 255 29.21 -1.62 -27.74
N TYR D 256 29.87 -2.68 -28.22
CA TYR D 256 30.12 -2.89 -29.64
C TYR D 256 29.27 -4.02 -30.18
N GLN D 257 29.17 -4.07 -31.52
CA GLN D 257 28.46 -5.11 -32.25
C GLN D 257 29.17 -5.38 -33.56
N MET D 258 29.43 -6.65 -33.86
CA MET D 258 30.08 -6.99 -35.12
C MET D 258 29.12 -6.79 -36.28
N SER D 259 29.52 -5.99 -37.27
CA SER D 259 28.68 -5.65 -38.40
C SER D 259 28.48 -6.86 -39.32
N GLU D 260 27.68 -6.65 -40.37
CA GLU D 260 27.46 -7.71 -41.35
C GLU D 260 28.75 -8.12 -42.06
N SER D 261 29.72 -7.21 -42.16
CA SER D 261 31.00 -7.46 -42.82
C SER D 261 32.10 -7.81 -41.84
N GLY D 262 31.82 -7.84 -40.54
CA GLY D 262 32.79 -8.24 -39.56
C GLY D 262 33.63 -7.13 -38.97
N GLU D 263 33.16 -5.88 -39.00
CA GLU D 263 33.95 -4.85 -38.38
C GLU D 263 33.22 -4.27 -37.18
N PRO D 264 33.91 -4.02 -36.06
CA PRO D 264 33.21 -3.60 -34.84
C PRO D 264 32.67 -2.17 -34.93
N VAL D 265 31.42 -1.99 -34.52
CA VAL D 265 30.81 -0.68 -34.44
C VAL D 265 30.28 -0.46 -33.02
N ALA D 266 30.65 0.67 -32.42
CA ALA D 266 30.09 1.06 -31.14
C ALA D 266 28.64 1.47 -31.33
N VAL D 267 27.73 0.80 -30.61
CA VAL D 267 26.31 1.00 -30.82
C VAL D 267 25.64 1.77 -29.69
N ARG D 268 26.13 1.69 -28.45
CA ARG D 268 25.53 2.43 -27.36
C ARG D 268 26.51 2.46 -26.18
N GLY D 269 26.25 3.38 -25.25
CA GLY D 269 27.11 3.51 -24.10
C GLY D 269 26.76 2.47 -23.03
N VAL D 270 27.78 2.02 -22.31
CA VAL D 270 27.60 0.97 -21.33
C VAL D 270 26.76 1.47 -20.16
N GLU D 271 27.03 2.68 -19.68
CA GLU D 271 26.36 3.18 -18.48
C GLU D 271 24.86 3.30 -18.70
N GLU D 272 24.45 3.90 -19.83
CA GLU D 272 23.02 4.01 -20.09
C GLU D 272 22.40 2.64 -20.25
N PHE D 273 23.14 1.69 -20.84
CA PHE D 273 22.67 0.31 -20.89
C PHE D 273 22.44 -0.23 -19.48
N LEU D 274 23.39 0.00 -18.58
CA LEU D 274 23.28 -0.53 -17.23
C LEU D 274 22.15 0.15 -16.46
N ARG D 275 21.95 1.45 -16.67
CA ARG D 275 20.88 2.13 -15.96
C ARG D 275 19.52 1.62 -16.38
N ASP D 276 19.33 1.39 -17.69
CA ASP D 276 18.09 0.77 -18.17
C ASP D 276 17.90 -0.61 -17.57
N PHE D 277 18.96 -1.43 -17.58
CA PHE D 277 18.93 -2.73 -16.93
C PHE D 277 18.44 -2.63 -15.49
N ASN D 278 19.05 -1.72 -14.70
CA ASN D 278 18.67 -1.61 -13.29
C ASN D 278 17.21 -1.20 -13.13
N ASN D 279 16.78 -0.26 -13.94
CA ASN D 279 15.41 0.24 -13.88
C ASN D 279 14.40 -0.86 -14.16
N GLU D 280 14.66 -1.71 -15.17
CA GLU D 280 13.69 -2.75 -15.47
C GLU D 280 13.87 -4.03 -14.66
N THR D 281 15.07 -4.31 -14.15
CA THR D 281 15.34 -5.54 -13.40
C THR D 281 15.03 -5.38 -11.92
N TRP D 282 15.63 -4.38 -11.28
CA TRP D 282 15.51 -4.20 -9.85
C TRP D 282 14.52 -3.10 -9.48
N SER D 283 14.59 -1.96 -10.16
CA SER D 283 13.61 -0.89 -10.01
C SER D 283 13.52 -0.39 -8.58
N ASP D 284 14.66 -0.38 -7.86
CA ASP D 284 14.72 0.08 -6.48
C ASP D 284 15.72 1.23 -6.38
N ARG D 285 16.01 1.63 -5.14
CA ARG D 285 16.80 2.85 -4.96
C ARG D 285 18.28 2.66 -5.30
N HIS D 286 18.77 1.43 -5.47
CA HIS D 286 20.18 1.21 -5.75
C HIS D 286 20.52 1.51 -7.22
N THR D 287 20.32 2.76 -7.60
CA THR D 287 20.35 3.12 -9.02
C THR D 287 21.75 3.11 -9.62
N ASP D 288 22.80 3.06 -8.79
CA ASP D 288 24.17 2.96 -9.26
C ASP D 288 24.73 1.55 -9.15
N PHE D 289 23.89 0.56 -8.82
CA PHE D 289 24.31 -0.83 -8.74
C PHE D 289 25.04 -1.27 -10.01
N GLY D 290 26.24 -1.86 -9.83
CA GLY D 290 27.04 -2.35 -10.95
C GLY D 290 27.53 -1.27 -11.87
N ILE D 291 27.42 -0.01 -11.46
CA ILE D 291 27.94 1.13 -12.18
C ILE D 291 29.00 1.86 -11.36
N THR D 292 28.64 2.23 -10.13
CA THR D 292 29.52 2.86 -9.17
C THR D 292 29.98 1.87 -8.10
FE FE2 E . 2.34 -0.35 -20.58
C1 AKG F . -0.36 -0.70 -19.60
O1 AKG F . 0.34 -1.36 -20.38
O2 AKG F . -1.59 -0.93 -19.51
C2 AKG F . 0.24 0.33 -18.74
O5 AKG F . 1.43 0.57 -18.76
C3 AKG F . -0.58 1.18 -17.81
C4 AKG F . 0.33 2.22 -17.13
C5 AKG F . -0.54 3.06 -16.19
O3 AKG F . -0.38 4.29 -16.16
O4 AKG F . -1.40 2.50 -15.47
C02 A1LVE G . 0.97 -6.09 -23.11
C03 A1LVE G . 1.20 -4.57 -23.11
C05 A1LVE G . 1.03 -4.53 -20.55
C06 A1LVE G . 1.48 -6.00 -20.60
C07 A1LVE G . -0.52 -6.43 -23.29
C08 A1LVE G . -1.08 -5.78 -24.55
C09 A1LVE G . -0.64 -7.98 -23.40
C10 A1LVE G . 0.14 -8.55 -24.60
C11 A1LVE G . -0.44 -4.41 -20.09
C12 A1LVE G . -0.57 -4.72 -18.56
C13 A1LVE G . -2.08 -4.67 -18.27
C14 A1LVE G . 0.15 -3.67 -17.71
N01 A1LVE G . 1.44 -6.73 -21.87
N04 A1LVE G . 1.22 -3.85 -21.84
O15 A1LVE G . 1.87 -6.56 -19.62
O16 A1LVE G . 1.38 -3.97 -24.13
O17 A1LVE G . 1.50 -8.79 -24.27
FE FE2 H . 9.65 3.34 25.21
C1 AKG I . 8.48 5.95 25.20
O1 AKG I . 7.73 6.93 25.33
O2 AKG I . 8.32 4.90 25.88
C2 AKG I . 9.57 6.03 24.25
O5 AKG I . 10.38 5.12 24.15
C3 AKG I . 9.75 7.26 23.38
C4 AKG I . 10.73 6.92 22.26
C5 AKG I . 10.91 8.09 21.32
O3 AKG I . 10.85 9.25 21.76
O4 AKG I . 11.12 7.82 20.11
C02 A1LVE J . 6.72 3.01 30.93
C03 A1LVE J . 6.96 2.75 29.45
C05 A1LVE J . 8.65 4.68 29.31
C06 A1LVE J . 8.85 4.41 30.80
C07 A1LVE J . 5.54 3.97 31.13
C08 A1LVE J . 4.28 3.45 30.47
C09 A1LVE J . 5.26 4.19 32.65
C10 A1LVE J . 4.88 2.86 33.33
C11 A1LVE J . 7.89 6.01 29.07
C12 A1LVE J . 8.80 7.25 29.29
C13 A1LVE J . 10.01 7.22 28.33
C14 A1LVE J . 8.01 8.53 28.98
N01 A1LVE J . 7.90 3.58 31.55
N04 A1LVE J . 7.92 3.58 28.71
O15 A1LVE J . 9.80 4.89 31.33
O16 A1LVE J . 6.39 1.87 28.87
O17 A1LVE J . 6.06 2.12 33.64
FE FE2 K . -35.21 9.65 10.03
C1 AKG L . -34.40 7.30 11.51
O1 AKG L . -34.62 8.50 11.79
O2 AKG L . -33.87 6.57 12.37
C2 AKG L . -34.70 6.78 10.17
O5 AKG L . -35.23 7.49 9.35
C3 AKG L . -34.34 5.36 9.79
C4 AKG L . -34.42 5.25 8.27
C5 AKG L . -34.11 3.83 7.82
O3 AKG L . -33.58 3.71 6.70
O4 AKG L . -34.38 2.86 8.57
C02 A1LVE M . -36.16 11.92 15.93
C03 A1LVE M . -35.46 11.72 14.58
C05 A1LVE M . -36.83 9.63 14.04
C06 A1LVE M . -37.86 10.25 15.00
C07 A1LVE M . -35.40 11.22 17.07
C08 A1LVE M . -33.98 11.74 17.17
C09 A1LVE M . -36.12 11.49 18.42
C10 A1LVE M . -36.18 12.99 18.75
C11 A1LVE M . -36.19 8.40 14.67
C12 A1LVE M . -37.15 7.18 14.66
C13 A1LVE M . -36.42 6.02 15.33
C14 A1LVE M . -37.51 6.75 13.22
N01 A1LVE M . -37.49 11.35 15.89
N04 A1LVE M . -35.81 10.61 13.69
O15 A1LVE M . -38.97 9.81 15.01
O16 A1LVE M . -34.64 12.51 14.23
O17 A1LVE M . -37.30 13.61 18.14
FE FE2 N . 22.49 -13.79 -13.24
C1 AKG O . 23.64 -13.69 -10.55
O1 AKG O . 24.40 -13.52 -9.58
O2 AKG O . 23.71 -12.92 -11.53
C2 AKG O . 22.63 -14.76 -10.53
O5 AKG O . 21.87 -14.95 -11.46
C3 AKG O . 22.51 -15.66 -9.35
C4 AKG O . 21.80 -16.93 -9.78
C5 AKG O . 21.63 -17.83 -8.59
O3 AKG O . 21.68 -17.37 -7.42
O4 AKG O . 21.47 -19.04 -8.83
CL CL P . 23.76 -16.83 -21.79
C02 A1LVE Q . 24.95 -7.89 -13.31
C03 A1LVE Q . 24.85 -9.37 -13.66
C05 A1LVE Q . 23.21 -9.74 -11.74
C06 A1LVE Q . 22.84 -8.27 -11.93
C07 A1LVE Q . 26.14 -7.62 -12.36
C08 A1LVE Q . 27.42 -8.23 -12.92
C09 A1LVE Q . 26.33 -6.10 -12.13
C10 A1LVE Q . 26.54 -5.30 -13.43
C11 A1LVE Q . 23.99 -9.95 -10.42
C12 A1LVE Q . 23.02 -9.81 -9.20
C13 A1LVE Q . 21.89 -10.83 -9.32
C14 A1LVE Q . 23.80 -10.14 -7.93
N01 A1LVE Q . 23.72 -7.38 -12.71
N04 A1LVE Q . 23.98 -10.25 -12.87
O15 A1LVE Q . 21.84 -7.86 -11.45
O16 A1LVE Q . 25.46 -9.85 -14.59
O17 A1LVE Q . 25.32 -5.09 -14.10
#